data_1D45
# 
_entry.id   1D45 
# 
_audit_conform.dict_name       mmcif_pdbx.dic 
_audit_conform.dict_version    5.385 
_audit_conform.dict_location   http://mmcif.pdb.org/dictionaries/ascii/mmcif_pdbx.dic 
# 
loop_
_database_2.database_id 
_database_2.database_code 
_database_2.pdbx_database_accession 
_database_2.pdbx_DOI 
PDB   1D45         pdb_00001d45 10.2210/pdb1d45/pdb 
RCSB  GDL012       ?            ?                   
WWPDB D_1000172650 ?            ?                   
# 
loop_
_pdbx_audit_revision_history.ordinal 
_pdbx_audit_revision_history.data_content_type 
_pdbx_audit_revision_history.major_revision 
_pdbx_audit_revision_history.minor_revision 
_pdbx_audit_revision_history.revision_date 
1 'Structure model' 1 0 1992-04-15 
2 'Structure model' 1 1 2008-05-22 
3 'Structure model' 1 2 2011-07-13 
4 'Structure model' 1 3 2011-08-24 
5 'Structure model' 1 4 2024-02-07 
# 
_pdbx_audit_revision_details.ordinal             1 
_pdbx_audit_revision_details.revision_ordinal    1 
_pdbx_audit_revision_details.data_content_type   'Structure model' 
_pdbx_audit_revision_details.provider            repository 
_pdbx_audit_revision_details.type                'Initial release' 
_pdbx_audit_revision_details.description         ? 
_pdbx_audit_revision_details.details             ? 
# 
loop_
_pdbx_audit_revision_group.ordinal 
_pdbx_audit_revision_group.revision_ordinal 
_pdbx_audit_revision_group.data_content_type 
_pdbx_audit_revision_group.group 
1 2 'Structure model' 'Version format compliance' 
2 3 'Structure model' 'Version format compliance' 
3 4 'Structure model' 'Atomic model'              
4 5 'Structure model' 'Data collection'           
5 5 'Structure model' 'Database references'       
6 5 'Structure model' 'Derived calculations'      
# 
loop_
_pdbx_audit_revision_category.ordinal 
_pdbx_audit_revision_category.revision_ordinal 
_pdbx_audit_revision_category.data_content_type 
_pdbx_audit_revision_category.category 
1 5 'Structure model' chem_comp_atom         
2 5 'Structure model' chem_comp_bond         
3 5 'Structure model' database_2             
4 5 'Structure model' pdbx_struct_conn_angle 
5 5 'Structure model' struct_conn            
6 5 'Structure model' struct_site            
# 
loop_
_pdbx_audit_revision_item.ordinal 
_pdbx_audit_revision_item.revision_ordinal 
_pdbx_audit_revision_item.data_content_type 
_pdbx_audit_revision_item.item 
1  5 'Structure model' '_database_2.pdbx_DOI'                        
2  5 'Structure model' '_database_2.pdbx_database_accession'         
3  5 'Structure model' '_pdbx_struct_conn_angle.ptnr1_auth_asym_id'  
4  5 'Structure model' '_pdbx_struct_conn_angle.ptnr1_auth_seq_id'   
5  5 'Structure model' '_pdbx_struct_conn_angle.ptnr1_label_asym_id' 
6  5 'Structure model' '_pdbx_struct_conn_angle.ptnr3_auth_asym_id'  
7  5 'Structure model' '_pdbx_struct_conn_angle.ptnr3_auth_seq_id'   
8  5 'Structure model' '_pdbx_struct_conn_angle.ptnr3_label_asym_id' 
9  5 'Structure model' '_pdbx_struct_conn_angle.value'               
10 5 'Structure model' '_struct_conn.pdbx_dist_value'                
11 5 'Structure model' '_struct_conn.ptnr2_auth_asym_id'             
12 5 'Structure model' '_struct_conn.ptnr2_auth_seq_id'              
13 5 'Structure model' '_struct_conn.ptnr2_label_asym_id'            
14 5 'Structure model' '_struct_site.pdbx_auth_asym_id'              
15 5 'Structure model' '_struct_site.pdbx_auth_comp_id'              
16 5 'Structure model' '_struct_site.pdbx_auth_seq_id'               
# 
_pdbx_database_status.status_code                     REL 
_pdbx_database_status.entry_id                        1D45 
_pdbx_database_status.recvd_initial_deposition_date   1991-06-04 
_pdbx_database_status.deposit_site                    BNL 
_pdbx_database_status.process_site                    NDB 
_pdbx_database_status.status_code_sf                  REL 
_pdbx_database_status.status_code_mr                  ? 
_pdbx_database_status.SG_entry                        ? 
_pdbx_database_status.status_code_cs                  ? 
_pdbx_database_status.pdb_format_compatible           Y 
_pdbx_database_status.status_code_nmr_data            ? 
_pdbx_database_status.methods_development_category    ? 
# 
loop_
_audit_author.name 
_audit_author.pdbx_ordinal 
'Quintana, J.R.'  1 
'Lipanov, A.A.'   2 
'Dickerson, R.E.' 3 
# 
loop_
_citation.id 
_citation.title 
_citation.journal_abbrev 
_citation.journal_volume 
_citation.page_first 
_citation.page_last 
_citation.year 
_citation.journal_id_ASTM 
_citation.country 
_citation.journal_id_ISSN 
_citation.journal_id_CSD 
_citation.book_publisher 
_citation.pdbx_database_id_PubMed 
_citation.pdbx_database_id_DOI 
primary 
;Low-temperature crystallographic analyses of the binding of Hoechst 33258 to the double-helical DNA dodecamer C-G-C-G-A-A-T-T-C-G-C-G.
;
Biochemistry         30  10294 10306 1991 BICHAW US 0006-2960 0033 ? 1718416 10.1021/bi00106a030 
1       'The Molecular Structure of the Complex of Hoechst 33258 and the DNA Dodecamer d(CGCGAATTCGCG)' 'Nucleic Acids Res.' 16  
2671  2690  1988 NARHAD UK 0305-1048 0389 ? ?       ?                   
2       'Binding of Hoechst 33258 to the Minor Groove of B-DNA' J.Mol.Biol.          196 257   271   1987 JMOBAK UK 0022-2836 0070 
? ?       ?                   
3       'Isohelical Analysis of DNA Groove-Binding Drugs' J.Med.Chem.          29  727   733   1986 JMCMAR US 0022-2623 0151 ? ? ? 
# 
loop_
_citation_author.citation_id 
_citation_author.name 
_citation_author.ordinal 
_citation_author.identifier_ORCID 
primary 'Quintana, J.R.'  1  ? 
primary 'Lipanov, A.A.'   2  ? 
primary 'Dickerson, R.E.' 3  ? 
1       'Teng, M.'        4  ? 
1       'Usman, N.'       5  ? 
1       'Frederick, C.A.' 6  ? 
1       'Wang, A.H.-J.'   7  ? 
2       'Pjura, P.E.'     8  ? 
2       'Grzeskowiak, K.' 9  ? 
2       'Dickerson, R.E.' 10 ? 
3       'Goodsell, D.'    11 ? 
3       'Dickerson, R.E.' 12 ? 
# 
loop_
_entity.id 
_entity.type 
_entity.src_method 
_entity.pdbx_description 
_entity.formula_weight 
_entity.pdbx_number_of_molecules 
_entity.pdbx_ec 
_entity.pdbx_mutation 
_entity.pdbx_fragment 
_entity.details 
1 polymer     syn 
;DNA (5'-D(*CP*GP*CP*GP*AP*AP*TP*TP*CP*GP*CP*G)-3')
;
3663.392 2   ? ? ? ? 
2 non-polymer syn "2'-(4-HYDROXYPHENYL)-5-(4-METHYL-1-PIPERAZINYL)-2,5'-BI-BENZIMIDAZOLE" 424.498  1   ? ? ? ? 
3 non-polymer syn 'MAGNESIUM ION'                                                         24.305   1   ? ? ? ? 
4 water       nat water                                                                   18.015   100 ? ? ? ? 
# 
_entity_poly.entity_id                      1 
_entity_poly.type                           polydeoxyribonucleotide 
_entity_poly.nstd_linkage                   no 
_entity_poly.nstd_monomer                   no 
_entity_poly.pdbx_seq_one_letter_code       '(DC)(DG)(DC)(DG)(DA)(DA)(DT)(DT)(DC)(DG)(DC)(DG)' 
_entity_poly.pdbx_seq_one_letter_code_can   CGCGAATTCGCG 
_entity_poly.pdbx_strand_id                 A,B 
_entity_poly.pdbx_target_identifier         ? 
# 
loop_
_pdbx_entity_nonpoly.entity_id 
_pdbx_entity_nonpoly.name 
_pdbx_entity_nonpoly.comp_id 
2 "2'-(4-HYDROXYPHENYL)-5-(4-METHYL-1-PIPERAZINYL)-2,5'-BI-BENZIMIDAZOLE" HT  
3 'MAGNESIUM ION'                                                         MG  
4 water                                                                   HOH 
# 
loop_
_entity_poly_seq.entity_id 
_entity_poly_seq.num 
_entity_poly_seq.mon_id 
_entity_poly_seq.hetero 
1 1  DC n 
1 2  DG n 
1 3  DC n 
1 4  DG n 
1 5  DA n 
1 6  DA n 
1 7  DT n 
1 8  DT n 
1 9  DC n 
1 10 DG n 
1 11 DC n 
1 12 DG n 
# 
loop_
_chem_comp.id 
_chem_comp.type 
_chem_comp.mon_nstd_flag 
_chem_comp.name 
_chem_comp.pdbx_synonyms 
_chem_comp.formula 
_chem_comp.formula_weight 
DA  'DNA linking' y "2'-DEOXYADENOSINE-5'-MONOPHOSPHATE"                                    ?               'C10 H14 N5 O6 P' 
331.222 
DC  'DNA linking' y "2'-DEOXYCYTIDINE-5'-MONOPHOSPHATE"                                     ?               'C9 H14 N3 O7 P'  
307.197 
DG  'DNA linking' y "2'-DEOXYGUANOSINE-5'-MONOPHOSPHATE"                                    ?               'C10 H14 N5 O7 P' 
347.221 
DT  'DNA linking' y "THYMIDINE-5'-MONOPHOSPHATE"                                            ?               'C10 H15 N2 O8 P' 
322.208 
HOH non-polymer   . WATER                                                                   ?               'H2 O'            
18.015  
HT  non-polymer   . "2'-(4-HYDROXYPHENYL)-5-(4-METHYL-1-PIPERAZINYL)-2,5'-BI-BENZIMIDAZOLE" 'HOECHST 33258' 'C25 H24 N6 O'    
424.498 
MG  non-polymer   . 'MAGNESIUM ION'                                                         ?               'Mg 2'            
24.305  
# 
loop_
_pdbx_poly_seq_scheme.asym_id 
_pdbx_poly_seq_scheme.entity_id 
_pdbx_poly_seq_scheme.seq_id 
_pdbx_poly_seq_scheme.mon_id 
_pdbx_poly_seq_scheme.ndb_seq_num 
_pdbx_poly_seq_scheme.pdb_seq_num 
_pdbx_poly_seq_scheme.auth_seq_num 
_pdbx_poly_seq_scheme.pdb_mon_id 
_pdbx_poly_seq_scheme.auth_mon_id 
_pdbx_poly_seq_scheme.pdb_strand_id 
_pdbx_poly_seq_scheme.pdb_ins_code 
_pdbx_poly_seq_scheme.hetero 
A 1 1  DC 1  1  1  DC C A . n 
A 1 2  DG 2  2  2  DG G A . n 
A 1 3  DC 3  3  3  DC C A . n 
A 1 4  DG 4  4  4  DG G A . n 
A 1 5  DA 5  5  5  DA A A . n 
A 1 6  DA 6  6  6  DA A A . n 
A 1 7  DT 7  7  7  DT T A . n 
A 1 8  DT 8  8  8  DT T A . n 
A 1 9  DC 9  9  9  DC C A . n 
A 1 10 DG 10 10 10 DG G A . n 
A 1 11 DC 11 11 11 DC C A . n 
A 1 12 DG 12 12 12 DG G A . n 
B 1 1  DC 1  13 13 DC C B . n 
B 1 2  DG 2  14 14 DG G B . n 
B 1 3  DC 3  15 15 DC C B . n 
B 1 4  DG 4  16 16 DG G B . n 
B 1 5  DA 5  17 17 DA A B . n 
B 1 6  DA 6  18 18 DA A B . n 
B 1 7  DT 7  19 19 DT T B . n 
B 1 8  DT 8  20 20 DT T B . n 
B 1 9  DC 9  21 21 DC C B . n 
B 1 10 DG 10 22 22 DG G B . n 
B 1 11 DC 11 23 23 DC C B . n 
B 1 12 DG 12 24 24 DG G B . n 
# 
loop_
_pdbx_nonpoly_scheme.asym_id 
_pdbx_nonpoly_scheme.entity_id 
_pdbx_nonpoly_scheme.mon_id 
_pdbx_nonpoly_scheme.ndb_seq_num 
_pdbx_nonpoly_scheme.pdb_seq_num 
_pdbx_nonpoly_scheme.auth_seq_num 
_pdbx_nonpoly_scheme.pdb_mon_id 
_pdbx_nonpoly_scheme.auth_mon_id 
_pdbx_nonpoly_scheme.pdb_strand_id 
_pdbx_nonpoly_scheme.pdb_ins_code 
C 2 HT  1  25  25  HT  HT  A . 
D 3 MG  1  26  26  MG  MO6 A . 
E 4 HOH 1  29  29  HOH HOH A . 
E 4 HOH 2  35  35  HOH HOH A . 
E 4 HOH 3  36  36  HOH HOH A . 
E 4 HOH 4  37  37  HOH HOH A . 
E 4 HOH 5  38  38  HOH HOH A . 
E 4 HOH 6  39  39  HOH HOH A . 
E 4 HOH 7  40  40  HOH HOH A . 
E 4 HOH 8  41  41  HOH HOH A . 
E 4 HOH 9  42  42  HOH HOH A . 
E 4 HOH 10 44  44  HOH HOH A . 
E 4 HOH 11 45  45  HOH HOH A . 
E 4 HOH 12 46  46  HOH HOH A . 
E 4 HOH 13 49  49  HOH HOH A . 
E 4 HOH 14 52  52  HOH HOH A . 
E 4 HOH 15 53  53  HOH HOH A . 
E 4 HOH 16 55  55  HOH HOH A . 
E 4 HOH 17 56  56  HOH HOH A . 
E 4 HOH 18 57  57  HOH HOH A . 
E 4 HOH 19 60  60  HOH HOH A . 
E 4 HOH 20 61  61  HOH HOH A . 
E 4 HOH 21 62  62  HOH HOH A . 
E 4 HOH 22 63  63  HOH HOH A . 
E 4 HOH 23 64  64  HOH HOH A . 
E 4 HOH 24 66  66  HOH HOH A . 
E 4 HOH 25 67  67  HOH HOH A . 
E 4 HOH 26 70  70  HOH HOH A . 
E 4 HOH 27 71  71  HOH HOH A . 
E 4 HOH 28 72  72  HOH HOH A . 
E 4 HOH 29 74  74  HOH HOH A . 
E 4 HOH 30 75  75  HOH HOH A . 
E 4 HOH 31 79  79  HOH HOH A . 
E 4 HOH 32 80  80  HOH HOH A . 
E 4 HOH 33 82  82  HOH HOH A . 
E 4 HOH 34 83  83  HOH HOH A . 
E 4 HOH 35 86  86  HOH HOH A . 
E 4 HOH 36 88  88  HOH HOH A . 
E 4 HOH 37 94  94  HOH HOH A . 
E 4 HOH 38 95  95  HOH HOH A . 
E 4 HOH 39 96  96  HOH HOH A . 
E 4 HOH 40 97  97  HOH HOH A . 
E 4 HOH 41 99  99  HOH HOH A . 
E 4 HOH 42 102 102 HOH HOH A . 
E 4 HOH 43 104 104 HOH HOH A . 
E 4 HOH 44 105 105 HOH HOH A . 
E 4 HOH 45 107 107 HOH HOH A . 
E 4 HOH 46 110 110 HOH HOH A . 
E 4 HOH 47 112 112 HOH HOH A . 
E 4 HOH 48 115 115 HOH HOH A . 
E 4 HOH 49 116 116 HOH HOH A . 
E 4 HOH 50 117 117 HOH HOH A . 
E 4 HOH 51 118 118 HOH HOH A . 
E 4 HOH 52 120 120 HOH HOH A . 
E 4 HOH 53 121 26  HOH MO6 A . 
E 4 HOH 54 122 26  HOH MO6 A . 
E 4 HOH 55 123 26  HOH MO6 A . 
E 4 HOH 56 125 26  HOH MO6 A . 
E 4 HOH 57 126 26  HOH MO6 A . 
F 4 HOH 1  27  27  HOH HOH B . 
F 4 HOH 2  28  28  HOH HOH B . 
F 4 HOH 3  30  30  HOH HOH B . 
F 4 HOH 4  31  31  HOH HOH B . 
F 4 HOH 5  32  32  HOH HOH B . 
F 4 HOH 6  33  33  HOH HOH B . 
F 4 HOH 7  34  34  HOH HOH B . 
F 4 HOH 8  43  43  HOH HOH B . 
F 4 HOH 9  47  47  HOH HOH B . 
F 4 HOH 10 48  48  HOH HOH B . 
F 4 HOH 11 50  50  HOH HOH B . 
F 4 HOH 12 51  51  HOH HOH B . 
F 4 HOH 13 54  54  HOH HOH B . 
F 4 HOH 14 58  58  HOH HOH B . 
F 4 HOH 15 59  59  HOH HOH B . 
F 4 HOH 16 65  65  HOH HOH B . 
F 4 HOH 17 68  68  HOH HOH B . 
F 4 HOH 18 69  69  HOH HOH B . 
F 4 HOH 19 73  73  HOH HOH B . 
F 4 HOH 20 76  76  HOH HOH B . 
F 4 HOH 21 77  77  HOH HOH B . 
F 4 HOH 22 78  78  HOH HOH B . 
F 4 HOH 23 81  81  HOH HOH B . 
F 4 HOH 24 84  84  HOH HOH B . 
F 4 HOH 25 85  85  HOH HOH B . 
F 4 HOH 26 87  87  HOH HOH B . 
F 4 HOH 27 89  89  HOH HOH B . 
F 4 HOH 28 90  90  HOH HOH B . 
F 4 HOH 29 91  91  HOH HOH B . 
F 4 HOH 30 92  92  HOH HOH B . 
F 4 HOH 31 93  93  HOH HOH B . 
F 4 HOH 32 98  98  HOH HOH B . 
F 4 HOH 33 100 100 HOH HOH B . 
F 4 HOH 34 101 101 HOH HOH B . 
F 4 HOH 35 103 103 HOH HOH B . 
F 4 HOH 36 106 106 HOH HOH B . 
F 4 HOH 37 108 108 HOH HOH B . 
F 4 HOH 38 109 109 HOH HOH B . 
F 4 HOH 39 111 111 HOH HOH B . 
F 4 HOH 40 113 113 HOH HOH B . 
F 4 HOH 41 114 114 HOH HOH B . 
F 4 HOH 42 119 119 HOH HOH B . 
F 4 HOH 43 124 26  HOH MO6 B . 
# 
_software.name             NUCLSQ 
_software.classification   refinement 
_software.version          . 
_software.citation_id      ? 
_software.pdbx_ordinal     1 
# 
_cell.entry_id           1D45 
_cell.length_a           23.890 
_cell.length_b           38.520 
_cell.length_c           66.340 
_cell.angle_alpha        90.00 
_cell.angle_beta         90.00 
_cell.angle_gamma        90.00 
_cell.Z_PDB              8 
_cell.pdbx_unique_axis   ? 
_cell.length_a_esd       ? 
_cell.length_b_esd       ? 
_cell.length_c_esd       ? 
_cell.angle_alpha_esd    ? 
_cell.angle_beta_esd     ? 
_cell.angle_gamma_esd    ? 
# 
_symmetry.entry_id                         1D45 
_symmetry.space_group_name_H-M             'P 21 21 21' 
_symmetry.pdbx_full_space_group_name_H-M   ? 
_symmetry.cell_setting                     ? 
_symmetry.Int_Tables_number                19 
_symmetry.space_group_name_Hall            ? 
# 
_exptl.entry_id          1D45 
_exptl.method            'X-RAY DIFFRACTION' 
_exptl.crystals_number   ? 
# 
_exptl_crystal.id                    1 
_exptl_crystal.density_meas          ? 
_exptl_crystal.density_percent_sol   40.95 
_exptl_crystal.density_Matthews      2.08 
_exptl_crystal.description           ? 
_exptl_crystal.F_000                 ? 
_exptl_crystal.preparation           ? 
# 
_exptl_crystal_grow.crystal_id      1 
_exptl_crystal_grow.method          'VAPOR DIFFUSION, SITTING DROP' 
_exptl_crystal_grow.temp            277.00 
_exptl_crystal_grow.temp_details    ? 
_exptl_crystal_grow.pH              6.90 
_exptl_crystal_grow.pdbx_details    'pH 6.90, VAPOR DIFFUSION, SITTING DROP, temperature 277.00K' 
_exptl_crystal_grow.pdbx_pH_range   ? 
# 
loop_
_exptl_crystal_grow_comp.crystal_id 
_exptl_crystal_grow_comp.id 
_exptl_crystal_grow_comp.sol_id 
_exptl_crystal_grow_comp.name 
_exptl_crystal_grow_comp.volume 
_exptl_crystal_grow_comp.conc 
_exptl_crystal_grow_comp.details 
1 1 1 WATER        ? ? ? 
1 2 1 MPD          ? ? ? 
1 3 1 'MG ACETATE' ? ? ? 
1 4 1 SPERMINE_HCL ? ? ? 
1 5 2 WATER        ? ? ? 
1 6 2 MPD          ? ? ? 
# 
_diffrn.id                     1 
_diffrn.ambient_temp           248.00 
_diffrn.ambient_temp_details   ? 
_diffrn.crystal_id             1 
# 
_diffrn_detector.diffrn_id              1 
_diffrn_detector.detector               DIFFRACTOMETER 
_diffrn_detector.type                   'RIGAKU AFC-5R' 
_diffrn_detector.pdbx_collection_date   ? 
_diffrn_detector.details                ? 
# 
_diffrn_radiation.diffrn_id                        1 
_diffrn_radiation.wavelength_id                    1 
_diffrn_radiation.pdbx_monochromatic_or_laue_m_l   ? 
_diffrn_radiation.monochromator                    ? 
_diffrn_radiation.pdbx_diffrn_protocol             ? 
_diffrn_radiation.pdbx_scattering_type             x-ray 
# 
_diffrn_radiation_wavelength.id           1 
_diffrn_radiation_wavelength.wavelength   . 
_diffrn_radiation_wavelength.wt           1.0 
# 
_diffrn_source.diffrn_id                   1 
_diffrn_source.source                      'ROTATING ANODE' 
_diffrn_source.type                        ? 
_diffrn_source.pdbx_synchrotron_site       ? 
_diffrn_source.pdbx_synchrotron_beamline   ? 
_diffrn_source.pdbx_wavelength             ? 
_diffrn_source.pdbx_wavelength_list        ? 
# 
_refine.entry_id                                 1D45 
_refine.ls_number_reflns_obs                     2873 
_refine.ls_number_reflns_all                     ? 
_refine.pdbx_ls_sigma_I                          ? 
_refine.pdbx_ls_sigma_F                          2.000 
_refine.pdbx_data_cutoff_high_absF               ? 
_refine.pdbx_data_cutoff_low_absF                ? 
_refine.pdbx_data_cutoff_high_rms_absF           ? 
_refine.ls_d_res_low                             8.000 
_refine.ls_d_res_high                            1.900 
_refine.ls_percent_reflns_obs                    ? 
_refine.ls_R_factor_obs                          0.1520000 
_refine.ls_R_factor_all                          ? 
_refine.ls_R_factor_R_work                       ? 
_refine.ls_R_factor_R_free                       ? 
_refine.ls_R_factor_R_free_error                 ? 
_refine.ls_R_factor_R_free_error_details         ? 
_refine.ls_percent_reflns_R_free                 ? 
_refine.ls_number_reflns_R_free                  ? 
_refine.ls_number_parameters                     ? 
_refine.ls_number_restraints                     ? 
_refine.occupancy_min                            ? 
_refine.occupancy_max                            ? 
_refine.B_iso_mean                               ? 
_refine.aniso_B[1][1]                            ? 
_refine.aniso_B[2][2]                            ? 
_refine.aniso_B[3][3]                            ? 
_refine.aniso_B[1][2]                            ? 
_refine.aniso_B[1][3]                            ? 
_refine.aniso_B[2][3]                            ? 
_refine.solvent_model_details                    ? 
_refine.solvent_model_param_ksol                 ? 
_refine.solvent_model_param_bsol                 ? 
_refine.pdbx_ls_cross_valid_method               ? 
_refine.details                                  ? 
_refine.pdbx_starting_model                      ? 
_refine.pdbx_method_to_determine_struct          ? 
_refine.pdbx_isotropic_thermal_model             ? 
_refine.pdbx_stereochemistry_target_values       ? 
_refine.pdbx_stereochem_target_val_spec_case     ? 
_refine.pdbx_R_Free_selection_details            ? 
_refine.pdbx_overall_ESU_R_Free                  ? 
_refine.overall_SU_ML                            ? 
_refine.overall_SU_B                             ? 
_refine.pdbx_refine_id                           'X-RAY DIFFRACTION' 
_refine.pdbx_diffrn_id                           1 
_refine.ls_redundancy_reflns_obs                 ? 
_refine.pdbx_overall_ESU_R                       ? 
_refine.pdbx_overall_phase_error                 ? 
_refine.correlation_coeff_Fo_to_Fc               ? 
_refine.correlation_coeff_Fo_to_Fc_free          ? 
_refine.pdbx_solvent_vdw_probe_radii             ? 
_refine.pdbx_solvent_ion_probe_radii             ? 
_refine.pdbx_solvent_shrinkage_radii             ? 
_refine.overall_SU_R_Cruickshank_DPI             ? 
_refine.overall_SU_R_free                        ? 
_refine.ls_wR_factor_R_free                      ? 
_refine.ls_wR_factor_R_work                      ? 
_refine.overall_FOM_free_R_set                   ? 
_refine.overall_FOM_work_R_set                   ? 
_refine.pdbx_TLS_residual_ADP_flag               ? 
_refine.pdbx_overall_SU_R_free_Cruickshank_DPI   ? 
_refine.pdbx_overall_SU_R_Blow_DPI               ? 
_refine.pdbx_overall_SU_R_free_Blow_DPI          ? 
# 
_refine_hist.pdbx_refine_id                   'X-RAY DIFFRACTION' 
_refine_hist.cycle_id                         LAST 
_refine_hist.pdbx_number_atoms_protein        0 
_refine_hist.pdbx_number_atoms_nucleic_acid   486 
_refine_hist.pdbx_number_atoms_ligand         33 
_refine_hist.number_atoms_solvent             100 
_refine_hist.number_atoms_total               619 
_refine_hist.d_res_high                       1.900 
_refine_hist.d_res_low                        8.000 
# 
_struct.entry_id                  1D45 
_struct.title                     'DNA DODECAMER C-G-C-G-A-A-T-T-C-G-C-G/HOECHST 33258 COMPLEX:-25 DEGREES C, PIPERAZINE DOWN' 
_struct.pdbx_model_details        ? 
_struct.pdbx_CASP_flag            ? 
_struct.pdbx_model_type_details   ? 
# 
_struct_keywords.entry_id        1D45 
_struct_keywords.pdbx_keywords   DNA 
_struct_keywords.text            'B-DNA, DOUBLE HELIX, COMPLEXED WITH DRUG, DNA' 
# 
loop_
_struct_asym.id 
_struct_asym.pdbx_blank_PDB_chainid_flag 
_struct_asym.pdbx_modified 
_struct_asym.entity_id 
_struct_asym.details 
A N N 1 ? 
B N N 1 ? 
C N N 2 ? 
D N N 3 ? 
E N N 4 ? 
F N N 4 ? 
# 
_struct_ref.id                         1 
_struct_ref.entity_id                  1 
_struct_ref.db_name                    PDB 
_struct_ref.db_code                    1D45 
_struct_ref.pdbx_db_accession          1D45 
_struct_ref.pdbx_align_begin           ? 
_struct_ref.pdbx_seq_one_letter_code   ? 
_struct_ref.pdbx_db_isoform            ? 
# 
loop_
_struct_ref_seq.align_id 
_struct_ref_seq.ref_id 
_struct_ref_seq.pdbx_PDB_id_code 
_struct_ref_seq.pdbx_strand_id 
_struct_ref_seq.seq_align_beg 
_struct_ref_seq.pdbx_seq_align_beg_ins_code 
_struct_ref_seq.seq_align_end 
_struct_ref_seq.pdbx_seq_align_end_ins_code 
_struct_ref_seq.pdbx_db_accession 
_struct_ref_seq.db_align_beg 
_struct_ref_seq.pdbx_db_align_beg_ins_code 
_struct_ref_seq.db_align_end 
_struct_ref_seq.pdbx_db_align_end_ins_code 
_struct_ref_seq.pdbx_auth_seq_align_beg 
_struct_ref_seq.pdbx_auth_seq_align_end 
1 1 1D45 A 1 ? 12 ? 1D45 1  ? 12 ? 1  12 
2 1 1D45 B 1 ? 12 ? 1D45 13 ? 24 ? 13 24 
# 
_pdbx_struct_assembly.id                   1 
_pdbx_struct_assembly.details              author_defined_assembly 
_pdbx_struct_assembly.method_details       ? 
_pdbx_struct_assembly.oligomeric_details   dimeric 
_pdbx_struct_assembly.oligomeric_count     2 
# 
_pdbx_struct_assembly_gen.assembly_id       1 
_pdbx_struct_assembly_gen.oper_expression   1 
_pdbx_struct_assembly_gen.asym_id_list      A,B,C,D,E,F 
# 
_pdbx_struct_oper_list.id                   1 
_pdbx_struct_oper_list.type                 'identity operation' 
_pdbx_struct_oper_list.name                 1_555 
_pdbx_struct_oper_list.symmetry_operation   x,y,z 
_pdbx_struct_oper_list.matrix[1][1]         1.0000000000 
_pdbx_struct_oper_list.matrix[1][2]         0.0000000000 
_pdbx_struct_oper_list.matrix[1][3]         0.0000000000 
_pdbx_struct_oper_list.vector[1]            0.0000000000 
_pdbx_struct_oper_list.matrix[2][1]         0.0000000000 
_pdbx_struct_oper_list.matrix[2][2]         1.0000000000 
_pdbx_struct_oper_list.matrix[2][3]         0.0000000000 
_pdbx_struct_oper_list.vector[2]            0.0000000000 
_pdbx_struct_oper_list.matrix[3][1]         0.0000000000 
_pdbx_struct_oper_list.matrix[3][2]         0.0000000000 
_pdbx_struct_oper_list.matrix[3][3]         1.0000000000 
_pdbx_struct_oper_list.vector[3]            0.0000000000 
# 
_struct_biol.id        1 
_struct_biol.details   ? 
# 
loop_
_struct_conn.id 
_struct_conn.conn_type_id 
_struct_conn.pdbx_leaving_atom_flag 
_struct_conn.pdbx_PDB_id 
_struct_conn.ptnr1_label_asym_id 
_struct_conn.ptnr1_label_comp_id 
_struct_conn.ptnr1_label_seq_id 
_struct_conn.ptnr1_label_atom_id 
_struct_conn.pdbx_ptnr1_label_alt_id 
_struct_conn.pdbx_ptnr1_PDB_ins_code 
_struct_conn.pdbx_ptnr1_standard_comp_id 
_struct_conn.ptnr1_symmetry 
_struct_conn.ptnr2_label_asym_id 
_struct_conn.ptnr2_label_comp_id 
_struct_conn.ptnr2_label_seq_id 
_struct_conn.ptnr2_label_atom_id 
_struct_conn.pdbx_ptnr2_label_alt_id 
_struct_conn.pdbx_ptnr2_PDB_ins_code 
_struct_conn.ptnr1_auth_asym_id 
_struct_conn.ptnr1_auth_comp_id 
_struct_conn.ptnr1_auth_seq_id 
_struct_conn.ptnr2_auth_asym_id 
_struct_conn.ptnr2_auth_comp_id 
_struct_conn.ptnr2_auth_seq_id 
_struct_conn.ptnr2_symmetry 
_struct_conn.pdbx_ptnr3_label_atom_id 
_struct_conn.pdbx_ptnr3_label_seq_id 
_struct_conn.pdbx_ptnr3_label_comp_id 
_struct_conn.pdbx_ptnr3_label_asym_id 
_struct_conn.pdbx_ptnr3_label_alt_id 
_struct_conn.pdbx_ptnr3_PDB_ins_code 
_struct_conn.details 
_struct_conn.pdbx_dist_value 
_struct_conn.pdbx_value_order 
_struct_conn.pdbx_role 
metalc1  metalc ? ? D MG .  MG ? ? ? 1_555 E HOH .  O  ? ? A MG 26 A HOH 121 1_555 ? ? ? ? ? ? ?            1.930 ? ? 
metalc2  metalc ? ? D MG .  MG ? ? ? 1_555 E HOH .  O  ? ? A MG 26 A HOH 122 1_555 ? ? ? ? ? ? ?            2.054 ? ? 
metalc3  metalc ? ? D MG .  MG ? ? ? 1_555 E HOH .  O  ? ? A MG 26 A HOH 123 1_555 ? ? ? ? ? ? ?            1.931 ? ? 
metalc4  metalc ? ? D MG .  MG ? ? ? 1_555 E HOH .  O  ? ? A MG 26 A HOH 125 1_555 ? ? ? ? ? ? ?            2.016 ? ? 
metalc5  metalc ? ? D MG .  MG ? ? ? 1_555 E HOH .  O  ? ? A MG 26 A HOH 126 1_555 ? ? ? ? ? ? ?            1.962 ? ? 
metalc6  metalc ? ? D MG .  MG ? ? ? 1_555 F HOH .  O  ? ? A MG 26 B HOH 124 1_555 ? ? ? ? ? ? ?            2.059 ? ? 
hydrog1  hydrog ? ? A DC 1  N3 ? ? ? 1_555 B DG  12 N1 ? ? A DC 1  B DG  24  1_555 ? ? ? ? ? ? WATSON-CRICK ?     ? ? 
hydrog2  hydrog ? ? A DC 1  N4 ? ? ? 1_555 B DG  12 O6 ? ? A DC 1  B DG  24  1_555 ? ? ? ? ? ? WATSON-CRICK ?     ? ? 
hydrog3  hydrog ? ? A DC 1  O2 ? ? ? 1_555 B DG  12 N2 ? ? A DC 1  B DG  24  1_555 ? ? ? ? ? ? WATSON-CRICK ?     ? ? 
hydrog4  hydrog ? ? A DG 2  N1 ? ? ? 1_555 B DC  11 N3 ? ? A DG 2  B DC  23  1_555 ? ? ? ? ? ? WATSON-CRICK ?     ? ? 
hydrog5  hydrog ? ? A DG 2  N2 ? ? ? 1_555 B DC  11 O2 ? ? A DG 2  B DC  23  1_555 ? ? ? ? ? ? WATSON-CRICK ?     ? ? 
hydrog6  hydrog ? ? A DG 2  O6 ? ? ? 1_555 B DC  11 N4 ? ? A DG 2  B DC  23  1_555 ? ? ? ? ? ? WATSON-CRICK ?     ? ? 
hydrog7  hydrog ? ? A DC 3  N3 ? ? ? 1_555 B DG  10 N1 ? ? A DC 3  B DG  22  1_555 ? ? ? ? ? ? WATSON-CRICK ?     ? ? 
hydrog8  hydrog ? ? A DC 3  N4 ? ? ? 1_555 B DG  10 O6 ? ? A DC 3  B DG  22  1_555 ? ? ? ? ? ? WATSON-CRICK ?     ? ? 
hydrog9  hydrog ? ? A DC 3  O2 ? ? ? 1_555 B DG  10 N2 ? ? A DC 3  B DG  22  1_555 ? ? ? ? ? ? WATSON-CRICK ?     ? ? 
hydrog10 hydrog ? ? A DG 4  N1 ? ? ? 1_555 B DC  9  N3 ? ? A DG 4  B DC  21  1_555 ? ? ? ? ? ? WATSON-CRICK ?     ? ? 
hydrog11 hydrog ? ? A DG 4  N2 ? ? ? 1_555 B DC  9  O2 ? ? A DG 4  B DC  21  1_555 ? ? ? ? ? ? WATSON-CRICK ?     ? ? 
hydrog12 hydrog ? ? A DG 4  O6 ? ? ? 1_555 B DC  9  N4 ? ? A DG 4  B DC  21  1_555 ? ? ? ? ? ? WATSON-CRICK ?     ? ? 
hydrog13 hydrog ? ? A DA 5  N1 ? ? ? 1_555 B DT  8  N3 ? ? A DA 5  B DT  20  1_555 ? ? ? ? ? ? WATSON-CRICK ?     ? ? 
hydrog14 hydrog ? ? A DA 5  N6 ? ? ? 1_555 B DT  8  O4 ? ? A DA 5  B DT  20  1_555 ? ? ? ? ? ? WATSON-CRICK ?     ? ? 
hydrog15 hydrog ? ? A DA 6  N1 ? ? ? 1_555 B DT  7  N3 ? ? A DA 6  B DT  19  1_555 ? ? ? ? ? ? WATSON-CRICK ?     ? ? 
hydrog16 hydrog ? ? A DA 6  N6 ? ? ? 1_555 B DT  7  O4 ? ? A DA 6  B DT  19  1_555 ? ? ? ? ? ? WATSON-CRICK ?     ? ? 
hydrog17 hydrog ? ? A DT 7  N3 ? ? ? 1_555 B DA  6  N1 ? ? A DT 7  B DA  18  1_555 ? ? ? ? ? ? WATSON-CRICK ?     ? ? 
hydrog18 hydrog ? ? A DT 7  O4 ? ? ? 1_555 B DA  6  N6 ? ? A DT 7  B DA  18  1_555 ? ? ? ? ? ? WATSON-CRICK ?     ? ? 
hydrog19 hydrog ? ? A DT 8  N3 ? ? ? 1_555 B DA  5  N1 ? ? A DT 8  B DA  17  1_555 ? ? ? ? ? ? WATSON-CRICK ?     ? ? 
hydrog20 hydrog ? ? A DT 8  O4 ? ? ? 1_555 B DA  5  N6 ? ? A DT 8  B DA  17  1_555 ? ? ? ? ? ? WATSON-CRICK ?     ? ? 
hydrog21 hydrog ? ? A DC 9  N3 ? ? ? 1_555 B DG  4  N1 ? ? A DC 9  B DG  16  1_555 ? ? ? ? ? ? WATSON-CRICK ?     ? ? 
hydrog22 hydrog ? ? A DC 9  N4 ? ? ? 1_555 B DG  4  O6 ? ? A DC 9  B DG  16  1_555 ? ? ? ? ? ? WATSON-CRICK ?     ? ? 
hydrog23 hydrog ? ? A DC 9  O2 ? ? ? 1_555 B DG  4  N2 ? ? A DC 9  B DG  16  1_555 ? ? ? ? ? ? WATSON-CRICK ?     ? ? 
hydrog24 hydrog ? ? A DG 10 N1 ? ? ? 1_555 B DC  3  N3 ? ? A DG 10 B DC  15  1_555 ? ? ? ? ? ? WATSON-CRICK ?     ? ? 
hydrog25 hydrog ? ? A DG 10 N2 ? ? ? 1_555 B DC  3  O2 ? ? A DG 10 B DC  15  1_555 ? ? ? ? ? ? WATSON-CRICK ?     ? ? 
hydrog26 hydrog ? ? A DG 10 O6 ? ? ? 1_555 B DC  3  N4 ? ? A DG 10 B DC  15  1_555 ? ? ? ? ? ? WATSON-CRICK ?     ? ? 
hydrog27 hydrog ? ? A DC 11 N3 ? ? ? 1_555 B DG  2  N1 ? ? A DC 11 B DG  14  1_555 ? ? ? ? ? ? WATSON-CRICK ?     ? ? 
hydrog28 hydrog ? ? A DC 11 N4 ? ? ? 1_555 B DG  2  O6 ? ? A DC 11 B DG  14  1_555 ? ? ? ? ? ? WATSON-CRICK ?     ? ? 
hydrog29 hydrog ? ? A DC 11 O2 ? ? ? 1_555 B DG  2  N2 ? ? A DC 11 B DG  14  1_555 ? ? ? ? ? ? WATSON-CRICK ?     ? ? 
hydrog30 hydrog ? ? A DG 12 N1 ? ? ? 1_555 B DC  1  N3 ? ? A DG 12 B DC  13  1_555 ? ? ? ? ? ? WATSON-CRICK ?     ? ? 
hydrog31 hydrog ? ? A DG 12 N2 ? ? ? 1_555 B DC  1  O2 ? ? A DG 12 B DC  13  1_555 ? ? ? ? ? ? WATSON-CRICK ?     ? ? 
hydrog32 hydrog ? ? A DG 12 O6 ? ? ? 1_555 B DC  1  N4 ? ? A DG 12 B DC  13  1_555 ? ? ? ? ? ? WATSON-CRICK ?     ? ? 
# 
loop_
_struct_conn_type.id 
_struct_conn_type.criteria 
_struct_conn_type.reference 
metalc ? ? 
hydrog ? ? 
# 
loop_
_pdbx_struct_conn_angle.id 
_pdbx_struct_conn_angle.ptnr1_label_atom_id 
_pdbx_struct_conn_angle.ptnr1_label_alt_id 
_pdbx_struct_conn_angle.ptnr1_label_asym_id 
_pdbx_struct_conn_angle.ptnr1_label_comp_id 
_pdbx_struct_conn_angle.ptnr1_label_seq_id 
_pdbx_struct_conn_angle.ptnr1_auth_atom_id 
_pdbx_struct_conn_angle.ptnr1_auth_asym_id 
_pdbx_struct_conn_angle.ptnr1_auth_comp_id 
_pdbx_struct_conn_angle.ptnr1_auth_seq_id 
_pdbx_struct_conn_angle.ptnr1_PDB_ins_code 
_pdbx_struct_conn_angle.ptnr1_symmetry 
_pdbx_struct_conn_angle.ptnr2_label_atom_id 
_pdbx_struct_conn_angle.ptnr2_label_alt_id 
_pdbx_struct_conn_angle.ptnr2_label_asym_id 
_pdbx_struct_conn_angle.ptnr2_label_comp_id 
_pdbx_struct_conn_angle.ptnr2_label_seq_id 
_pdbx_struct_conn_angle.ptnr2_auth_atom_id 
_pdbx_struct_conn_angle.ptnr2_auth_asym_id 
_pdbx_struct_conn_angle.ptnr2_auth_comp_id 
_pdbx_struct_conn_angle.ptnr2_auth_seq_id 
_pdbx_struct_conn_angle.ptnr2_PDB_ins_code 
_pdbx_struct_conn_angle.ptnr2_symmetry 
_pdbx_struct_conn_angle.ptnr3_label_atom_id 
_pdbx_struct_conn_angle.ptnr3_label_alt_id 
_pdbx_struct_conn_angle.ptnr3_label_asym_id 
_pdbx_struct_conn_angle.ptnr3_label_comp_id 
_pdbx_struct_conn_angle.ptnr3_label_seq_id 
_pdbx_struct_conn_angle.ptnr3_auth_atom_id 
_pdbx_struct_conn_angle.ptnr3_auth_asym_id 
_pdbx_struct_conn_angle.ptnr3_auth_comp_id 
_pdbx_struct_conn_angle.ptnr3_auth_seq_id 
_pdbx_struct_conn_angle.ptnr3_PDB_ins_code 
_pdbx_struct_conn_angle.ptnr3_symmetry 
_pdbx_struct_conn_angle.value 
_pdbx_struct_conn_angle.value_esd 
1  O ? E HOH . ? A HOH 121 ? 1_555 MG ? D MG . ? A MG 26 ? 1_555 O ? E HOH . ? A HOH 122 ? 1_555 175.3 ? 
2  O ? E HOH . ? A HOH 121 ? 1_555 MG ? D MG . ? A MG 26 ? 1_555 O ? E HOH . ? A HOH 123 ? 1_555 94.4  ? 
3  O ? E HOH . ? A HOH 122 ? 1_555 MG ? D MG . ? A MG 26 ? 1_555 O ? E HOH . ? A HOH 123 ? 1_555 90.2  ? 
4  O ? E HOH . ? A HOH 121 ? 1_555 MG ? D MG . ? A MG 26 ? 1_555 O ? E HOH . ? A HOH 125 ? 1_555 92.0  ? 
5  O ? E HOH . ? A HOH 122 ? 1_555 MG ? D MG . ? A MG 26 ? 1_555 O ? E HOH . ? A HOH 125 ? 1_555 89.1  ? 
6  O ? E HOH . ? A HOH 123 ? 1_555 MG ? D MG . ? A MG 26 ? 1_555 O ? E HOH . ? A HOH 125 ? 1_555 91.6  ? 
7  O ? E HOH . ? A HOH 121 ? 1_555 MG ? D MG . ? A MG 26 ? 1_555 O ? E HOH . ? A HOH 126 ? 1_555 91.8  ? 
8  O ? E HOH . ? A HOH 122 ? 1_555 MG ? D MG . ? A MG 26 ? 1_555 O ? E HOH . ? A HOH 126 ? 1_555 86.6  ? 
9  O ? E HOH . ? A HOH 123 ? 1_555 MG ? D MG . ? A MG 26 ? 1_555 O ? E HOH . ? A HOH 126 ? 1_555 94.0  ? 
10 O ? E HOH . ? A HOH 125 ? 1_555 MG ? D MG . ? A MG 26 ? 1_555 O ? E HOH . ? A HOH 126 ? 1_555 173.0 ? 
11 O ? E HOH . ? A HOH 121 ? 1_555 MG ? D MG . ? A MG 26 ? 1_555 O ? F HOH . ? B HOH 124 ? 1_555 87.9  ? 
12 O ? E HOH . ? A HOH 122 ? 1_555 MG ? D MG . ? A MG 26 ? 1_555 O ? F HOH . ? B HOH 124 ? 1_555 87.6  ? 
13 O ? E HOH . ? A HOH 123 ? 1_555 MG ? D MG . ? A MG 26 ? 1_555 O ? F HOH . ? B HOH 124 ? 1_555 174.3 ? 
14 O ? E HOH . ? A HOH 125 ? 1_555 MG ? D MG . ? A MG 26 ? 1_555 O ? F HOH . ? B HOH 124 ? 1_555 83.1  ? 
15 O ? E HOH . ? A HOH 126 ? 1_555 MG ? D MG . ? A MG 26 ? 1_555 O ? F HOH . ? B HOH 124 ? 1_555 91.2  ? 
# 
loop_
_struct_site.id 
_struct_site.pdbx_evidence_code 
_struct_site.pdbx_auth_asym_id 
_struct_site.pdbx_auth_comp_id 
_struct_site.pdbx_auth_seq_id 
_struct_site.pdbx_auth_ins_code 
_struct_site.pdbx_num_residues 
_struct_site.details 
AC1 Software A HT 25 ? 9 'BINDING SITE FOR RESIDUE HT A 25' 
AC2 Software A MG 26 ? 6 'BINDING SITE FOR RESIDUE MG A 26' 
1   ?        ? ?  ?  ? ? ?                                  
# 
loop_
_struct_site_gen.id 
_struct_site_gen.site_id 
_struct_site_gen.pdbx_num_res 
_struct_site_gen.label_comp_id 
_struct_site_gen.label_asym_id 
_struct_site_gen.label_seq_id 
_struct_site_gen.pdbx_auth_ins_code 
_struct_site_gen.auth_comp_id 
_struct_site_gen.auth_asym_id 
_struct_site_gen.auth_seq_id 
_struct_site_gen.label_atom_id 
_struct_site_gen.label_alt_id 
_struct_site_gen.symmetry 
_struct_site_gen.details 
1  AC1 9 DA  A 6 ? DA  A 6   . ? 1_555 ? 
2  AC1 9 DT  A 7 ? DT  A 7   . ? 1_555 ? 
3  AC1 9 DT  A 8 ? DT  A 8   . ? 1_555 ? 
4  AC1 9 HOH E . ? HOH A 52  . ? 1_555 ? 
5  AC1 9 HOH E . ? HOH A 71  . ? 1_555 ? 
6  AC1 9 DA  B 6 ? DA  B 18  . ? 1_555 ? 
7  AC1 9 DT  B 7 ? DT  B 19  . ? 1_555 ? 
8  AC1 9 DT  B 8 ? DT  B 20  . ? 1_555 ? 
9  AC1 9 DC  B 9 ? DC  B 21  . ? 1_555 ? 
10 AC2 6 HOH E . ? HOH A 121 . ? 1_555 ? 
11 AC2 6 HOH E . ? HOH A 122 . ? 1_555 ? 
12 AC2 6 HOH E . ? HOH A 123 . ? 1_555 ? 
13 AC2 6 HOH E . ? HOH A 125 . ? 1_555 ? 
14 AC2 6 HOH E . ? HOH A 126 . ? 1_555 ? 
15 AC2 6 HOH F . ? HOH B 124 . ? 1_555 ? 
# 
loop_
_pdbx_validate_symm_contact.id 
_pdbx_validate_symm_contact.PDB_model_num 
_pdbx_validate_symm_contact.auth_atom_id_1 
_pdbx_validate_symm_contact.auth_asym_id_1 
_pdbx_validate_symm_contact.auth_comp_id_1 
_pdbx_validate_symm_contact.auth_seq_id_1 
_pdbx_validate_symm_contact.PDB_ins_code_1 
_pdbx_validate_symm_contact.label_alt_id_1 
_pdbx_validate_symm_contact.site_symmetry_1 
_pdbx_validate_symm_contact.auth_atom_id_2 
_pdbx_validate_symm_contact.auth_asym_id_2 
_pdbx_validate_symm_contact.auth_comp_id_2 
_pdbx_validate_symm_contact.auth_seq_id_2 
_pdbx_validate_symm_contact.PDB_ins_code_2 
_pdbx_validate_symm_contact.label_alt_id_2 
_pdbx_validate_symm_contact.site_symmetry_2 
_pdbx_validate_symm_contact.dist 
1 1 C8  A DG 12 ? ? 1_555 O A HOH 45 ? ? 2_664 1.95 
2 1 N7  A DG 12 ? ? 1_555 O A HOH 45 ? ? 2_664 2.04 
3 1 OP1 A DC 3  ? ? 1_555 O B HOH 47 ? ? 2_665 2.12 
4 1 N9  A DG 12 ? ? 1_555 O A HOH 45 ? ? 2_664 2.18 
# 
_pdbx_validate_rmsd_bond.id                        1 
_pdbx_validate_rmsd_bond.PDB_model_num             1 
_pdbx_validate_rmsd_bond.auth_atom_id_1            P 
_pdbx_validate_rmsd_bond.auth_asym_id_1            A 
_pdbx_validate_rmsd_bond.auth_comp_id_1            DA 
_pdbx_validate_rmsd_bond.auth_seq_id_1             5 
_pdbx_validate_rmsd_bond.PDB_ins_code_1            ? 
_pdbx_validate_rmsd_bond.label_alt_id_1            ? 
_pdbx_validate_rmsd_bond.auth_atom_id_2            "O5'" 
_pdbx_validate_rmsd_bond.auth_asym_id_2            A 
_pdbx_validate_rmsd_bond.auth_comp_id_2            DA 
_pdbx_validate_rmsd_bond.auth_seq_id_2             5 
_pdbx_validate_rmsd_bond.PDB_ins_code_2            ? 
_pdbx_validate_rmsd_bond.label_alt_id_2            ? 
_pdbx_validate_rmsd_bond.bond_value                1.661 
_pdbx_validate_rmsd_bond.bond_target_value         1.593 
_pdbx_validate_rmsd_bond.bond_deviation            0.068 
_pdbx_validate_rmsd_bond.bond_standard_deviation   0.010 
_pdbx_validate_rmsd_bond.linker_flag               N 
# 
loop_
_pdbx_validate_rmsd_angle.id 
_pdbx_validate_rmsd_angle.PDB_model_num 
_pdbx_validate_rmsd_angle.auth_atom_id_1 
_pdbx_validate_rmsd_angle.auth_asym_id_1 
_pdbx_validate_rmsd_angle.auth_comp_id_1 
_pdbx_validate_rmsd_angle.auth_seq_id_1 
_pdbx_validate_rmsd_angle.PDB_ins_code_1 
_pdbx_validate_rmsd_angle.label_alt_id_1 
_pdbx_validate_rmsd_angle.auth_atom_id_2 
_pdbx_validate_rmsd_angle.auth_asym_id_2 
_pdbx_validate_rmsd_angle.auth_comp_id_2 
_pdbx_validate_rmsd_angle.auth_seq_id_2 
_pdbx_validate_rmsd_angle.PDB_ins_code_2 
_pdbx_validate_rmsd_angle.label_alt_id_2 
_pdbx_validate_rmsd_angle.auth_atom_id_3 
_pdbx_validate_rmsd_angle.auth_asym_id_3 
_pdbx_validate_rmsd_angle.auth_comp_id_3 
_pdbx_validate_rmsd_angle.auth_seq_id_3 
_pdbx_validate_rmsd_angle.PDB_ins_code_3 
_pdbx_validate_rmsd_angle.label_alt_id_3 
_pdbx_validate_rmsd_angle.angle_value 
_pdbx_validate_rmsd_angle.angle_target_value 
_pdbx_validate_rmsd_angle.angle_deviation 
_pdbx_validate_rmsd_angle.angle_standard_deviation 
_pdbx_validate_rmsd_angle.linker_flag 
1  1 "O4'" A DC 1  ? ? "C1'" A DC 1  ? ? "C2'" A DC 1  ? ? 99.70  105.90 -6.20  0.80 N 
2  1 N3    A DC 1  ? ? C4    A DC 1  ? ? C5    A DC 1  ? ? 119.48 121.90 -2.42  0.40 N 
3  1 "O3'" A DC 1  ? ? P     A DG 2  ? ? OP1   A DG 2  ? ? 118.08 110.50 7.58   1.10 Y 
4  1 "O5'" A DG 2  ? ? "C5'" A DG 2  ? ? "C4'" A DG 2  ? ? 101.08 109.40 -8.32  0.80 N 
5  1 "O4'" A DG 2  ? ? "C1'" A DG 2  ? ? N9    A DG 2  ? ? 101.39 108.00 -6.61  0.70 N 
6  1 C5    A DG 2  ? ? C6    A DG 2  ? ? N1    A DG 2  ? ? 114.87 111.50 3.37   0.50 N 
7  1 "C3'" A DG 2  ? ? "O3'" A DG 2  ? ? P     A DC 3  ? ? 138.33 119.70 18.63  1.20 Y 
8  1 OP1   A DC 3  ? ? P     A DC 3  ? ? OP2   A DC 3  ? ? 109.64 119.60 -9.96  1.50 N 
9  1 OP1   A DG 4  ? ? P     A DG 4  ? ? OP2   A DG 4  ? ? 105.50 119.60 -14.10 1.50 N 
10 1 "O4'" A DG 4  ? ? "C1'" A DG 4  ? ? N9    A DG 4  ? ? 113.81 108.30 5.51   0.30 N 
11 1 C5    A DG 4  ? ? C6    A DG 4  ? ? N1    A DG 4  ? ? 114.70 111.50 3.20   0.50 N 
12 1 "C3'" A DG 4  ? ? "O3'" A DG 4  ? ? P     A DA 5  ? ? 134.53 119.70 14.83  1.20 Y 
13 1 C6    A DA 5  ? ? N1    A DA 5  ? ? C2    A DA 5  ? ? 122.70 118.60 4.10   0.60 N 
14 1 C5    A DA 5  ? ? C6    A DA 5  ? ? N1    A DA 5  ? ? 113.74 117.70 -3.96  0.50 N 
15 1 N1    A DA 5  ? ? C6    A DA 5  ? ? N6    A DA 5  ? ? 122.88 118.60 4.28   0.60 N 
16 1 "C3'" A DA 5  ? ? "O3'" A DA 5  ? ? P     A DA 6  ? ? 136.43 119.70 16.73  1.20 Y 
17 1 "O5'" A DA 6  ? ? "C5'" A DA 6  ? ? "C4'" A DA 6  ? ? 103.40 109.40 -6.00  0.80 N 
18 1 P     A DA 6  ? ? "O5'" A DA 6  ? ? "C5'" A DA 6  ? ? 139.67 120.90 18.77  1.60 N 
19 1 "O4'" A DA 6  ? ? "C1'" A DA 6  ? ? N9    A DA 6  ? ? 103.13 108.00 -4.87  0.70 N 
20 1 N1    A DA 6  ? ? C6    A DA 6  ? ? N6    A DA 6  ? ? 122.45 118.60 3.85   0.60 N 
21 1 "C3'" A DA 6  ? ? "O3'" A DA 6  ? ? P     A DT 7  ? ? 129.21 119.70 9.51   1.20 Y 
22 1 "C1'" A DT 7  ? ? "O4'" A DT 7  ? ? "C4'" A DT 7  ? ? 102.96 110.10 -7.14  1.00 N 
23 1 C2    A DT 7  ? ? N3    A DT 7  ? ? C4    A DT 7  ? ? 123.10 127.20 -4.10  0.60 N 
24 1 N3    A DT 7  ? ? C4    A DT 7  ? ? C5    A DT 7  ? ? 119.43 115.20 4.23   0.60 N 
25 1 "C3'" A DT 7  ? ? "O3'" A DT 7  ? ? P     A DT 8  ? ? 135.52 119.70 15.82  1.20 Y 
26 1 "O5'" A DT 8  ? ? "C5'" A DT 8  ? ? "C4'" A DT 8  ? ? 103.05 109.40 -6.35  0.80 N 
27 1 C2    A DT 8  ? ? N3    A DT 8  ? ? C4    A DT 8  ? ? 122.35 127.20 -4.85  0.60 N 
28 1 N3    A DT 8  ? ? C4    A DT 8  ? ? C5    A DT 8  ? ? 118.86 115.20 3.66   0.60 N 
29 1 N3    A DT 8  ? ? C4    A DT 8  ? ? O4    A DT 8  ? ? 116.14 119.90 -3.76  0.60 N 
30 1 C6    A DT 8  ? ? C5    A DT 8  ? ? C7    A DT 8  ? ? 119.19 122.90 -3.71  0.60 N 
31 1 "C3'" A DT 8  ? ? "O3'" A DT 8  ? ? P     A DC 9  ? ? 139.62 119.70 19.92  1.20 Y 
32 1 OP1   A DC 9  ? ? P     A DC 9  ? ? OP2   A DC 9  ? ? 110.27 119.60 -9.33  1.50 N 
33 1 "O5'" A DC 9  ? ? "C5'" A DC 9  ? ? "C4'" A DC 9  ? ? 104.48 109.40 -4.92  0.80 N 
34 1 "C3'" A DC 9  ? ? "O3'" A DC 9  ? ? P     A DG 10 ? ? 131.17 119.70 11.47  1.20 Y 
35 1 "O4'" A DG 10 ? ? "C1'" A DG 10 ? ? N9    A DG 10 ? ? 114.37 108.30 6.07   0.30 N 
36 1 "C3'" A DG 10 ? ? "O3'" A DG 10 ? ? P     A DC 11 ? ? 128.52 119.70 8.82   1.20 Y 
37 1 "O5'" A DC 11 ? ? "C5'" A DC 11 ? ? "C4'" A DC 11 ? ? 104.05 109.40 -5.35  0.80 N 
38 1 "C3'" A DC 11 ? ? "O3'" A DC 11 ? ? P     A DG 12 ? ? 135.49 119.70 15.79  1.20 Y 
39 1 "O5'" A DG 12 ? ? "C5'" A DG 12 ? ? "C4'" A DG 12 ? ? 103.91 109.40 -5.49  0.80 N 
40 1 "O4'" A DG 12 ? ? "C1'" A DG 12 ? ? N9    A DG 12 ? ? 111.29 108.30 2.99   0.30 N 
41 1 "O4'" B DC 15 ? ? "C1'" B DC 15 ? ? N1    B DC 15 ? ? 102.22 108.00 -5.78  0.70 N 
42 1 "O5'" B DG 16 ? ? P     B DG 16 ? ? OP2   B DG 16 ? ? 119.62 110.70 8.92   1.20 N 
43 1 "O4'" B DG 16 ? ? "C1'" B DG 16 ? ? N9    B DG 16 ? ? 110.28 108.30 1.98   0.30 N 
44 1 C6    B DA 17 ? ? N1    B DA 17 ? ? C2    B DA 17 ? ? 123.09 118.60 4.49   0.60 N 
45 1 N1    B DA 17 ? ? C2    B DA 17 ? ? N3    B DA 17 ? ? 125.05 129.30 -4.25  0.50 N 
46 1 C5    B DA 17 ? ? C6    B DA 17 ? ? N1    B DA 17 ? ? 114.08 117.70 -3.62  0.50 N 
47 1 "C3'" B DA 17 ? ? "O3'" B DA 17 ? ? P     B DA 18 ? ? 128.04 119.70 8.34   1.20 Y 
48 1 "O5'" B DA 18 ? ? "C5'" B DA 18 ? ? "C4'" B DA 18 ? ? 104.45 109.40 -4.95  0.80 N 
49 1 "O4'" B DA 18 ? ? "C1'" B DA 18 ? ? N9    B DA 18 ? ? 110.71 108.30 2.41   0.30 N 
50 1 C6    B DA 18 ? ? N1    B DA 18 ? ? C2    B DA 18 ? ? 122.27 118.60 3.67   0.60 N 
51 1 N1    B DA 18 ? ? C2    B DA 18 ? ? N3    B DA 18 ? ? 125.28 129.30 -4.02  0.50 N 
52 1 C2    B DT 19 ? ? N3    B DT 19 ? ? C4    B DT 19 ? ? 122.25 127.20 -4.95  0.60 N 
53 1 N3    B DT 19 ? ? C4    B DT 19 ? ? C5    B DT 19 ? ? 119.34 115.20 4.14   0.60 N 
54 1 "C3'" B DT 19 ? ? "O3'" B DT 19 ? ? P     B DT 20 ? ? 129.35 119.70 9.65   1.20 Y 
55 1 "O4'" B DT 20 ? ? "C1'" B DT 20 ? ? N1    B DT 20 ? ? 103.05 108.00 -4.95  0.70 N 
56 1 C2    B DT 20 ? ? N3    B DT 20 ? ? C4    B DT 20 ? ? 122.30 127.20 -4.90  0.60 N 
57 1 N3    B DT 20 ? ? C4    B DT 20 ? ? C5    B DT 20 ? ? 118.86 115.20 3.66   0.60 N 
58 1 "C3'" B DT 20 ? ? "O3'" B DT 20 ? ? P     B DC 21 ? ? 135.25 119.70 15.55  1.20 Y 
59 1 P     B DC 21 ? ? "O5'" B DC 21 ? ? "C5'" B DC 21 ? ? 132.42 120.90 11.52  1.60 N 
60 1 N3    B DC 21 ? ? C4    B DC 21 ? ? C5    B DC 21 ? ? 119.18 121.90 -2.72  0.40 N 
61 1 "C3'" B DC 21 ? ? "O3'" B DC 21 ? ? P     B DG 22 ? ? 131.71 119.70 12.01  1.20 Y 
62 1 OP1   B DG 22 ? ? P     B DG 22 ? ? OP2   B DG 22 ? ? 108.50 119.60 -11.10 1.50 N 
63 1 P     B DG 22 ? ? "O5'" B DG 22 ? ? "C5'" B DG 22 ? ? 132.75 120.90 11.85  1.60 N 
64 1 "C3'" B DG 22 ? ? "C2'" B DG 22 ? ? "C1'" B DG 22 ? ? 96.51  102.40 -5.89  0.80 N 
65 1 "O4'" B DG 22 ? ? "C1'" B DG 22 ? ? "C2'" B DG 22 ? ? 99.15  105.90 -6.75  0.80 N 
66 1 "O4'" B DG 22 ? ? "C1'" B DG 22 ? ? N9    B DG 22 ? ? 111.20 108.30 2.90   0.30 N 
67 1 "C3'" B DC 23 ? ? "O3'" B DC 23 ? ? P     B DG 24 ? ? 128.22 119.70 8.52   1.20 Y 
68 1 "O4'" B DG 24 ? ? "C1'" B DG 24 ? ? N9    B DG 24 ? ? 114.69 108.30 6.39   0.30 N 
69 1 C5    B DG 24 ? ? C6    B DG 24 ? ? N1    B DG 24 ? ? 114.84 111.50 3.34   0.50 N 
# 
_struct_site_keywords.site_id   1 
_struct_site_keywords.text      'MINOR GROOVE BINDER' 
# 
loop_
_refine_B_iso.class 
_refine_B_iso.details 
_refine_B_iso.treatment 
_refine_B_iso.pdbx_refine_id 
'ALL ATOMS'  TR isotropic 'X-RAY DIFFRACTION' 
'ALL WATERS' TR isotropic 'X-RAY DIFFRACTION' 
# 
loop_
_refine_occupancy.class 
_refine_occupancy.treatment 
_refine_occupancy.pdbx_refine_id 
'ALL ATOMS'  fix 'X-RAY DIFFRACTION' 
'ALL WATERS' fix 'X-RAY DIFFRACTION' 
# 
loop_
_chem_comp_atom.comp_id 
_chem_comp_atom.atom_id 
_chem_comp_atom.type_symbol 
_chem_comp_atom.pdbx_aromatic_flag 
_chem_comp_atom.pdbx_stereo_config 
_chem_comp_atom.pdbx_ordinal 
DA  OP3    O  N N 1   
DA  P      P  N N 2   
DA  OP1    O  N N 3   
DA  OP2    O  N N 4   
DA  "O5'"  O  N N 5   
DA  "C5'"  C  N N 6   
DA  "C4'"  C  N R 7   
DA  "O4'"  O  N N 8   
DA  "C3'"  C  N S 9   
DA  "O3'"  O  N N 10  
DA  "C2'"  C  N N 11  
DA  "C1'"  C  N R 12  
DA  N9     N  Y N 13  
DA  C8     C  Y N 14  
DA  N7     N  Y N 15  
DA  C5     C  Y N 16  
DA  C6     C  Y N 17  
DA  N6     N  N N 18  
DA  N1     N  Y N 19  
DA  C2     C  Y N 20  
DA  N3     N  Y N 21  
DA  C4     C  Y N 22  
DA  HOP3   H  N N 23  
DA  HOP2   H  N N 24  
DA  "H5'"  H  N N 25  
DA  "H5''" H  N N 26  
DA  "H4'"  H  N N 27  
DA  "H3'"  H  N N 28  
DA  "HO3'" H  N N 29  
DA  "H2'"  H  N N 30  
DA  "H2''" H  N N 31  
DA  "H1'"  H  N N 32  
DA  H8     H  N N 33  
DA  H61    H  N N 34  
DA  H62    H  N N 35  
DA  H2     H  N N 36  
DC  OP3    O  N N 37  
DC  P      P  N N 38  
DC  OP1    O  N N 39  
DC  OP2    O  N N 40  
DC  "O5'"  O  N N 41  
DC  "C5'"  C  N N 42  
DC  "C4'"  C  N R 43  
DC  "O4'"  O  N N 44  
DC  "C3'"  C  N S 45  
DC  "O3'"  O  N N 46  
DC  "C2'"  C  N N 47  
DC  "C1'"  C  N R 48  
DC  N1     N  N N 49  
DC  C2     C  N N 50  
DC  O2     O  N N 51  
DC  N3     N  N N 52  
DC  C4     C  N N 53  
DC  N4     N  N N 54  
DC  C5     C  N N 55  
DC  C6     C  N N 56  
DC  HOP3   H  N N 57  
DC  HOP2   H  N N 58  
DC  "H5'"  H  N N 59  
DC  "H5''" H  N N 60  
DC  "H4'"  H  N N 61  
DC  "H3'"  H  N N 62  
DC  "HO3'" H  N N 63  
DC  "H2'"  H  N N 64  
DC  "H2''" H  N N 65  
DC  "H1'"  H  N N 66  
DC  H41    H  N N 67  
DC  H42    H  N N 68  
DC  H5     H  N N 69  
DC  H6     H  N N 70  
DG  OP3    O  N N 71  
DG  P      P  N N 72  
DG  OP1    O  N N 73  
DG  OP2    O  N N 74  
DG  "O5'"  O  N N 75  
DG  "C5'"  C  N N 76  
DG  "C4'"  C  N R 77  
DG  "O4'"  O  N N 78  
DG  "C3'"  C  N S 79  
DG  "O3'"  O  N N 80  
DG  "C2'"  C  N N 81  
DG  "C1'"  C  N R 82  
DG  N9     N  Y N 83  
DG  C8     C  Y N 84  
DG  N7     N  Y N 85  
DG  C5     C  Y N 86  
DG  C6     C  N N 87  
DG  O6     O  N N 88  
DG  N1     N  N N 89  
DG  C2     C  N N 90  
DG  N2     N  N N 91  
DG  N3     N  N N 92  
DG  C4     C  Y N 93  
DG  HOP3   H  N N 94  
DG  HOP2   H  N N 95  
DG  "H5'"  H  N N 96  
DG  "H5''" H  N N 97  
DG  "H4'"  H  N N 98  
DG  "H3'"  H  N N 99  
DG  "HO3'" H  N N 100 
DG  "H2'"  H  N N 101 
DG  "H2''" H  N N 102 
DG  "H1'"  H  N N 103 
DG  H8     H  N N 104 
DG  H1     H  N N 105 
DG  H21    H  N N 106 
DG  H22    H  N N 107 
DT  OP3    O  N N 108 
DT  P      P  N N 109 
DT  OP1    O  N N 110 
DT  OP2    O  N N 111 
DT  "O5'"  O  N N 112 
DT  "C5'"  C  N N 113 
DT  "C4'"  C  N R 114 
DT  "O4'"  O  N N 115 
DT  "C3'"  C  N S 116 
DT  "O3'"  O  N N 117 
DT  "C2'"  C  N N 118 
DT  "C1'"  C  N R 119 
DT  N1     N  N N 120 
DT  C2     C  N N 121 
DT  O2     O  N N 122 
DT  N3     N  N N 123 
DT  C4     C  N N 124 
DT  O4     O  N N 125 
DT  C5     C  N N 126 
DT  C7     C  N N 127 
DT  C6     C  N N 128 
DT  HOP3   H  N N 129 
DT  HOP2   H  N N 130 
DT  "H5'"  H  N N 131 
DT  "H5''" H  N N 132 
DT  "H4'"  H  N N 133 
DT  "H3'"  H  N N 134 
DT  "HO3'" H  N N 135 
DT  "H2'"  H  N N 136 
DT  "H2''" H  N N 137 
DT  "H1'"  H  N N 138 
DT  H3     H  N N 139 
DT  H71    H  N N 140 
DT  H72    H  N N 141 
DT  H73    H  N N 142 
DT  H6     H  N N 143 
HOH O      O  N N 144 
HOH H1     H  N N 145 
HOH H2     H  N N 146 
HT  O1     O  N N 147 
HT  C1     C  Y N 148 
HT  C4     C  Y N 149 
HT  C2     C  Y N 150 
HT  C3     C  Y N 151 
HT  C6     C  Y N 152 
HT  C5     C  Y N 153 
HT  C7     C  Y N 154 
HT  N1     N  Y N 155 
HT  C8     C  Y N 156 
HT  C9     C  Y N 157 
HT  N2     N  Y N 158 
HT  C10    C  Y N 159 
HT  C11    C  Y N 160 
HT  C12    C  Y N 161 
HT  C13    C  Y N 162 
HT  C14    C  Y N 163 
HT  N3     N  Y N 164 
HT  C15    C  Y N 165 
HT  C16    C  Y N 166 
HT  N4     N  Y N 167 
HT  C17    C  Y N 168 
HT  C18    C  Y N 169 
HT  C19    C  Y N 170 
HT  C20    C  Y N 171 
HT  N5     N  N N 172 
HT  C21    C  N N 173 
HT  C22    C  N N 174 
HT  N6     N  N N 175 
HT  C23    C  N N 176 
HT  C24    C  N N 177 
HT  C25    C  N N 178 
HT  HO1    H  N N 179 
HT  H2     H  N N 180 
HT  H3     H  N N 181 
HT  H5     H  N N 182 
HT  H6     H  N N 183 
HT  HN1    H  N N 184 
HT  H10    H  N N 185 
HT  H11    H  N N 186 
HT  H13    H  N N 187 
HT  HN3    H  N N 188 
HT  H17    H  N N 189 
HT  H18    H  N N 190 
HT  H20    H  N N 191 
HT  H211   H  N N 192 
HT  H212   H  N N 193 
HT  H221   H  N N 194 
HT  H222   H  N N 195 
HT  H231   H  N N 196 
HT  H232   H  N N 197 
HT  H241   H  N N 198 
HT  H242   H  N N 199 
HT  H253   H  N N 200 
HT  H252   H  N N 201 
HT  H251   H  N N 202 
MG  MG     MG N N 203 
# 
loop_
_chem_comp_bond.comp_id 
_chem_comp_bond.atom_id_1 
_chem_comp_bond.atom_id_2 
_chem_comp_bond.value_order 
_chem_comp_bond.pdbx_aromatic_flag 
_chem_comp_bond.pdbx_stereo_config 
_chem_comp_bond.pdbx_ordinal 
DA  OP3   P      sing N N 1   
DA  OP3   HOP3   sing N N 2   
DA  P     OP1    doub N N 3   
DA  P     OP2    sing N N 4   
DA  P     "O5'"  sing N N 5   
DA  OP2   HOP2   sing N N 6   
DA  "O5'" "C5'"  sing N N 7   
DA  "C5'" "C4'"  sing N N 8   
DA  "C5'" "H5'"  sing N N 9   
DA  "C5'" "H5''" sing N N 10  
DA  "C4'" "O4'"  sing N N 11  
DA  "C4'" "C3'"  sing N N 12  
DA  "C4'" "H4'"  sing N N 13  
DA  "O4'" "C1'"  sing N N 14  
DA  "C3'" "O3'"  sing N N 15  
DA  "C3'" "C2'"  sing N N 16  
DA  "C3'" "H3'"  sing N N 17  
DA  "O3'" "HO3'" sing N N 18  
DA  "C2'" "C1'"  sing N N 19  
DA  "C2'" "H2'"  sing N N 20  
DA  "C2'" "H2''" sing N N 21  
DA  "C1'" N9     sing N N 22  
DA  "C1'" "H1'"  sing N N 23  
DA  N9    C8     sing Y N 24  
DA  N9    C4     sing Y N 25  
DA  C8    N7     doub Y N 26  
DA  C8    H8     sing N N 27  
DA  N7    C5     sing Y N 28  
DA  C5    C6     sing Y N 29  
DA  C5    C4     doub Y N 30  
DA  C6    N6     sing N N 31  
DA  C6    N1     doub Y N 32  
DA  N6    H61    sing N N 33  
DA  N6    H62    sing N N 34  
DA  N1    C2     sing Y N 35  
DA  C2    N3     doub Y N 36  
DA  C2    H2     sing N N 37  
DA  N3    C4     sing Y N 38  
DC  OP3   P      sing N N 39  
DC  OP3   HOP3   sing N N 40  
DC  P     OP1    doub N N 41  
DC  P     OP2    sing N N 42  
DC  P     "O5'"  sing N N 43  
DC  OP2   HOP2   sing N N 44  
DC  "O5'" "C5'"  sing N N 45  
DC  "C5'" "C4'"  sing N N 46  
DC  "C5'" "H5'"  sing N N 47  
DC  "C5'" "H5''" sing N N 48  
DC  "C4'" "O4'"  sing N N 49  
DC  "C4'" "C3'"  sing N N 50  
DC  "C4'" "H4'"  sing N N 51  
DC  "O4'" "C1'"  sing N N 52  
DC  "C3'" "O3'"  sing N N 53  
DC  "C3'" "C2'"  sing N N 54  
DC  "C3'" "H3'"  sing N N 55  
DC  "O3'" "HO3'" sing N N 56  
DC  "C2'" "C1'"  sing N N 57  
DC  "C2'" "H2'"  sing N N 58  
DC  "C2'" "H2''" sing N N 59  
DC  "C1'" N1     sing N N 60  
DC  "C1'" "H1'"  sing N N 61  
DC  N1    C2     sing N N 62  
DC  N1    C6     sing N N 63  
DC  C2    O2     doub N N 64  
DC  C2    N3     sing N N 65  
DC  N3    C4     doub N N 66  
DC  C4    N4     sing N N 67  
DC  C4    C5     sing N N 68  
DC  N4    H41    sing N N 69  
DC  N4    H42    sing N N 70  
DC  C5    C6     doub N N 71  
DC  C5    H5     sing N N 72  
DC  C6    H6     sing N N 73  
DG  OP3   P      sing N N 74  
DG  OP3   HOP3   sing N N 75  
DG  P     OP1    doub N N 76  
DG  P     OP2    sing N N 77  
DG  P     "O5'"  sing N N 78  
DG  OP2   HOP2   sing N N 79  
DG  "O5'" "C5'"  sing N N 80  
DG  "C5'" "C4'"  sing N N 81  
DG  "C5'" "H5'"  sing N N 82  
DG  "C5'" "H5''" sing N N 83  
DG  "C4'" "O4'"  sing N N 84  
DG  "C4'" "C3'"  sing N N 85  
DG  "C4'" "H4'"  sing N N 86  
DG  "O4'" "C1'"  sing N N 87  
DG  "C3'" "O3'"  sing N N 88  
DG  "C3'" "C2'"  sing N N 89  
DG  "C3'" "H3'"  sing N N 90  
DG  "O3'" "HO3'" sing N N 91  
DG  "C2'" "C1'"  sing N N 92  
DG  "C2'" "H2'"  sing N N 93  
DG  "C2'" "H2''" sing N N 94  
DG  "C1'" N9     sing N N 95  
DG  "C1'" "H1'"  sing N N 96  
DG  N9    C8     sing Y N 97  
DG  N9    C4     sing Y N 98  
DG  C8    N7     doub Y N 99  
DG  C8    H8     sing N N 100 
DG  N7    C5     sing Y N 101 
DG  C5    C6     sing N N 102 
DG  C5    C4     doub Y N 103 
DG  C6    O6     doub N N 104 
DG  C6    N1     sing N N 105 
DG  N1    C2     sing N N 106 
DG  N1    H1     sing N N 107 
DG  C2    N2     sing N N 108 
DG  C2    N3     doub N N 109 
DG  N2    H21    sing N N 110 
DG  N2    H22    sing N N 111 
DG  N3    C4     sing N N 112 
DT  OP3   P      sing N N 113 
DT  OP3   HOP3   sing N N 114 
DT  P     OP1    doub N N 115 
DT  P     OP2    sing N N 116 
DT  P     "O5'"  sing N N 117 
DT  OP2   HOP2   sing N N 118 
DT  "O5'" "C5'"  sing N N 119 
DT  "C5'" "C4'"  sing N N 120 
DT  "C5'" "H5'"  sing N N 121 
DT  "C5'" "H5''" sing N N 122 
DT  "C4'" "O4'"  sing N N 123 
DT  "C4'" "C3'"  sing N N 124 
DT  "C4'" "H4'"  sing N N 125 
DT  "O4'" "C1'"  sing N N 126 
DT  "C3'" "O3'"  sing N N 127 
DT  "C3'" "C2'"  sing N N 128 
DT  "C3'" "H3'"  sing N N 129 
DT  "O3'" "HO3'" sing N N 130 
DT  "C2'" "C1'"  sing N N 131 
DT  "C2'" "H2'"  sing N N 132 
DT  "C2'" "H2''" sing N N 133 
DT  "C1'" N1     sing N N 134 
DT  "C1'" "H1'"  sing N N 135 
DT  N1    C2     sing N N 136 
DT  N1    C6     sing N N 137 
DT  C2    O2     doub N N 138 
DT  C2    N3     sing N N 139 
DT  N3    C4     sing N N 140 
DT  N3    H3     sing N N 141 
DT  C4    O4     doub N N 142 
DT  C4    C5     sing N N 143 
DT  C5    C7     sing N N 144 
DT  C5    C6     doub N N 145 
DT  C7    H71    sing N N 146 
DT  C7    H72    sing N N 147 
DT  C7    H73    sing N N 148 
DT  C6    H6     sing N N 149 
HOH O     H1     sing N N 150 
HOH O     H2     sing N N 151 
HT  O1    C1     sing N N 152 
HT  O1    HO1    sing N N 153 
HT  C1    C2     doub Y N 154 
HT  C1    C6     sing Y N 155 
HT  C2    C3     sing Y N 156 
HT  C2    H2     sing N N 157 
HT  C3    C4     doub Y N 158 
HT  C3    H3     sing N N 159 
HT  C4    C5     sing Y N 160 
HT  C4    C7     sing Y N 161 
HT  C5    C6     doub Y N 162 
HT  C5    H5     sing N N 163 
HT  C6    H6     sing N N 164 
HT  C7    N1     sing Y N 165 
HT  C7    N2     doub Y N 166 
HT  N1    C8     sing Y N 167 
HT  N1    HN1    sing N N 168 
HT  C8    C9     doub Y N 169 
HT  C8    C13    sing Y N 170 
HT  C9    N2     sing Y N 171 
HT  C9    C10    sing Y N 172 
HT  C10   C11    doub Y N 173 
HT  C10   H10    sing N N 174 
HT  C11   C12    sing Y N 175 
HT  C11   H11    sing N N 176 
HT  C12   C13    doub Y N 177 
HT  C12   C14    sing Y N 178 
HT  C13   H13    sing N N 179 
HT  C14   N3     sing Y N 180 
HT  C14   N4     doub Y N 181 
HT  N3    C15    sing Y N 182 
HT  N3    HN3    sing N N 183 
HT  C15   C16    doub Y N 184 
HT  C15   C20    sing Y N 185 
HT  C16   N4     sing Y N 186 
HT  C16   C17    sing Y N 187 
HT  C17   C18    doub Y N 188 
HT  C17   H17    sing N N 189 
HT  C18   C19    sing Y N 190 
HT  C18   H18    sing N N 191 
HT  C19   C20    doub Y N 192 
HT  C19   N5     sing N N 193 
HT  C20   H20    sing N N 194 
HT  N5    C21    sing N N 195 
HT  N5    C24    sing N N 196 
HT  C21   C22    sing N N 197 
HT  C21   H211   sing N N 198 
HT  C21   H212   sing N N 199 
HT  C22   N6     sing N N 200 
HT  C22   H221   sing N N 201 
HT  C22   H222   sing N N 202 
HT  N6    C23    sing N N 203 
HT  N6    C25    sing N N 204 
HT  C23   C24    sing N N 205 
HT  C23   H231   sing N N 206 
HT  C23   H232   sing N N 207 
HT  C24   H241   sing N N 208 
HT  C24   H242   sing N N 209 
HT  C25   H253   sing N N 210 
HT  C25   H252   sing N N 211 
HT  C25   H251   sing N N 212 
# 
loop_
_ndb_struct_conf_na.entry_id 
_ndb_struct_conf_na.feature 
1D45 'double helix'        
1D45 'b-form double helix' 
# 
loop_
_ndb_struct_na_base_pair.model_number 
_ndb_struct_na_base_pair.i_label_asym_id 
_ndb_struct_na_base_pair.i_label_comp_id 
_ndb_struct_na_base_pair.i_label_seq_id 
_ndb_struct_na_base_pair.i_symmetry 
_ndb_struct_na_base_pair.j_label_asym_id 
_ndb_struct_na_base_pair.j_label_comp_id 
_ndb_struct_na_base_pair.j_label_seq_id 
_ndb_struct_na_base_pair.j_symmetry 
_ndb_struct_na_base_pair.shear 
_ndb_struct_na_base_pair.stretch 
_ndb_struct_na_base_pair.stagger 
_ndb_struct_na_base_pair.buckle 
_ndb_struct_na_base_pair.propeller 
_ndb_struct_na_base_pair.opening 
_ndb_struct_na_base_pair.pair_number 
_ndb_struct_na_base_pair.pair_name 
_ndb_struct_na_base_pair.i_auth_asym_id 
_ndb_struct_na_base_pair.i_auth_seq_id 
_ndb_struct_na_base_pair.i_PDB_ins_code 
_ndb_struct_na_base_pair.j_auth_asym_id 
_ndb_struct_na_base_pair.j_auth_seq_id 
_ndb_struct_na_base_pair.j_PDB_ins_code 
_ndb_struct_na_base_pair.hbond_type_28 
_ndb_struct_na_base_pair.hbond_type_12 
1 A DC 1  1_555 B DG 12 1_555 0.109  -0.169 0.071  -2.981  -15.200 -6.362 1  A_DC1:DG24_B  A 1  ? B 24 ? 19 1 
1 A DG 2  1_555 B DC 11 1_555 -0.005 -0.183 0.455  8.190   -3.825  -1.741 2  A_DG2:DC23_B  A 2  ? B 23 ? 19 1 
1 A DC 3  1_555 B DG 10 1_555 0.242  -0.328 0.525  -2.010  -7.389  -1.193 3  A_DC3:DG22_B  A 3  ? B 22 ? 19 1 
1 A DG 4  1_555 B DC 9  1_555 -0.182 -0.209 -0.009 14.243  -14.845 -7.461 4  A_DG4:DC21_B  A 4  ? B 21 ? 19 1 
1 A DA 5  1_555 B DT 8  1_555 0.245  -0.293 0.054  11.520  -17.341 1.382  5  A_DA5:DT20_B  A 5  ? B 20 ? 20 1 
1 A DA 6  1_555 B DT 7  1_555 -0.298 -0.016 -0.170 1.603   -21.545 8.491  6  A_DA6:DT19_B  A 6  ? B 19 ? 20 1 
1 A DT 7  1_555 B DA 6  1_555 0.132  -0.012 -0.136 -2.545  -20.295 5.405  7  A_DT7:DA18_B  A 7  ? B 18 ? 20 1 
1 A DT 8  1_555 B DA 5  1_555 -0.507 -0.302 -0.015 -12.766 -11.887 0.194  8  A_DT8:DA17_B  A 8  ? B 17 ? 20 1 
1 A DC 9  1_555 B DG 4  1_555 0.678  0.128  0.008  -5.737  -8.540  2.607  9  A_DC9:DG16_B  A 9  ? B 16 ? 19 1 
1 A DG 10 1_555 B DC 3  1_555 0.030  -0.397 -0.049 8.815   3.303   -4.082 10 A_DG10:DC15_B A 10 ? B 15 ? 19 1 
1 A DC 11 1_555 B DG 2  1_555 0.084  -0.251 0.672  2.977   -21.859 -5.649 11 A_DC11:DG14_B A 11 ? B 14 ? 19 1 
1 A DG 12 1_555 B DC 1  1_555 -0.579 -0.302 -0.098 2.594   21.027  -3.636 12 A_DG12:DC13_B A 12 ? B 13 ? 19 1 
# 
loop_
_ndb_struct_na_base_pair_step.model_number 
_ndb_struct_na_base_pair_step.i_label_asym_id_1 
_ndb_struct_na_base_pair_step.i_label_comp_id_1 
_ndb_struct_na_base_pair_step.i_label_seq_id_1 
_ndb_struct_na_base_pair_step.i_symmetry_1 
_ndb_struct_na_base_pair_step.j_label_asym_id_1 
_ndb_struct_na_base_pair_step.j_label_comp_id_1 
_ndb_struct_na_base_pair_step.j_label_seq_id_1 
_ndb_struct_na_base_pair_step.j_symmetry_1 
_ndb_struct_na_base_pair_step.i_label_asym_id_2 
_ndb_struct_na_base_pair_step.i_label_comp_id_2 
_ndb_struct_na_base_pair_step.i_label_seq_id_2 
_ndb_struct_na_base_pair_step.i_symmetry_2 
_ndb_struct_na_base_pair_step.j_label_asym_id_2 
_ndb_struct_na_base_pair_step.j_label_comp_id_2 
_ndb_struct_na_base_pair_step.j_label_seq_id_2 
_ndb_struct_na_base_pair_step.j_symmetry_2 
_ndb_struct_na_base_pair_step.shift 
_ndb_struct_na_base_pair_step.slide 
_ndb_struct_na_base_pair_step.rise 
_ndb_struct_na_base_pair_step.tilt 
_ndb_struct_na_base_pair_step.roll 
_ndb_struct_na_base_pair_step.twist 
_ndb_struct_na_base_pair_step.x_displacement 
_ndb_struct_na_base_pair_step.y_displacement 
_ndb_struct_na_base_pair_step.helical_rise 
_ndb_struct_na_base_pair_step.inclination 
_ndb_struct_na_base_pair_step.tip 
_ndb_struct_na_base_pair_step.helical_twist 
_ndb_struct_na_base_pair_step.step_number 
_ndb_struct_na_base_pair_step.step_name 
_ndb_struct_na_base_pair_step.i_auth_asym_id_1 
_ndb_struct_na_base_pair_step.i_auth_seq_id_1 
_ndb_struct_na_base_pair_step.i_PDB_ins_code_1 
_ndb_struct_na_base_pair_step.j_auth_asym_id_1 
_ndb_struct_na_base_pair_step.j_auth_seq_id_1 
_ndb_struct_na_base_pair_step.j_PDB_ins_code_1 
_ndb_struct_na_base_pair_step.i_auth_asym_id_2 
_ndb_struct_na_base_pair_step.i_auth_seq_id_2 
_ndb_struct_na_base_pair_step.i_PDB_ins_code_2 
_ndb_struct_na_base_pair_step.j_auth_asym_id_2 
_ndb_struct_na_base_pair_step.j_auth_seq_id_2 
_ndb_struct_na_base_pair_step.j_PDB_ins_code_2 
1 A DC 1  1_555 B DG 12 1_555 A DG 2  1_555 B DC 11 1_555 -0.407 -0.070 3.177 -3.492 8.059   32.052 -1.441 0.141  3.095 14.263  
6.181   33.204 1  AA_DC1DG2:DC23DG24_BB   A 1  ? B 24 ? A 2  ? B 23 ? 
1 A DG 2  1_555 B DC 11 1_555 A DC 3  1_555 B DG 10 1_555 0.690  0.363  3.542 2.100  -3.415  41.145 0.911  -0.734 3.532 -4.845  
-2.979  41.332 2  AA_DG2DC3:DG22DC23_BB   A 2  ? B 23 ? A 3  ? B 22 ? 
1 A DC 3  1_555 B DG 10 1_555 A DG 4  1_555 B DC 9  1_555 -0.291 0.757  3.135 4.658  6.399   28.150 0.141  1.566  3.140 12.839  
-9.344  29.220 3  AA_DC3DG4:DC21DG22_BB   A 3  ? B 22 ? A 4  ? B 21 ? 
1 A DG 4  1_555 B DC 9  1_555 A DA 5  1_555 B DT 8  1_555 0.219  -0.014 3.196 0.214  3.421   39.908 -0.403 -0.295 3.185 5.002   
-0.312  40.049 4  AA_DG4DA5:DT20DC21_BB   A 4  ? B 21 ? A 5  ? B 20 ? 
1 A DA 5  1_555 B DT 8  1_555 A DA 6  1_555 B DT 7  1_555 0.182  -0.434 3.458 1.710  6.526   33.928 -1.785 -0.030 3.325 11.049  
-2.895  34.573 5  AA_DA5DA6:DT19DT20_BB   A 5  ? B 20 ? A 6  ? B 19 ? 
1 A DA 6  1_555 B DT 7  1_555 A DT 7  1_555 B DA 6  1_555 -0.129 -0.470 3.352 -1.207 1.666   34.817 -1.042 0.028  3.329 2.782   
2.014   34.876 6  AA_DA6DT7:DA18DT19_BB   A 6  ? B 19 ? A 7  ? B 18 ? 
1 A DT 7  1_555 B DA 6  1_555 A DT 8  1_555 B DA 5  1_555 0.007  -0.029 3.469 0.485  2.026   34.469 -0.382 0.068  3.461 3.415   
-0.817  34.530 7  AA_DT7DT8:DA17DA18_BB   A 7  ? B 18 ? A 8  ? B 17 ? 
1 A DT 8  1_555 B DA 5  1_555 A DC 9  1_555 B DG 4  1_555 0.216  0.860  3.330 2.560  0.296   39.904 1.222  -0.015 3.343 0.433   
-3.746  39.984 8  AA_DT8DC9:DG16DA17_BB   A 8  ? B 17 ? A 9  ? B 16 ? 
1 A DC 9  1_555 B DG 4  1_555 A DG 10 1_555 B DC 3  1_555 -0.226 2.010  3.167 -0.027 6.672   23.291 2.559  0.531  3.595 16.107  
0.064   24.215 9  AA_DC9DG10:DC15DG16_BB  A 9  ? B 16 ? A 10 ? B 15 ? 
1 A DG 10 1_555 B DC 3  1_555 A DC 11 1_555 B DG 2  1_555 -0.753 1.109  3.725 -5.264 -10.239 43.733 2.469  0.455  3.458 -13.470 
6.925   45.151 10 AA_DG10DC11:DG14DC15_BB A 10 ? B 15 ? A 11 ? B 14 ? 
1 A DC 11 1_555 B DG 2  1_555 A DG 12 1_555 B DC 1  1_555 1.372  0.893  3.462 6.654  -11.506 33.707 3.154  -1.219 3.203 -18.953 
-10.960 36.162 11 AA_DC11DG12:DC13DG14_BB A 11 ? B 14 ? A 12 ? B 13 ? 
# 
_atom_sites.entry_id                    1D45 
_atom_sites.fract_transf_matrix[1][1]   0.03024915 
_atom_sites.fract_transf_matrix[1][2]   -0.02831257 
_atom_sites.fract_transf_matrix[1][3]   -0.00596349 
_atom_sites.fract_transf_matrix[2][1]   0.00980016 
_atom_sites.fract_transf_matrix[2][2]   0.01450805 
_atom_sites.fract_transf_matrix[2][3]   -0.01916891 
_atom_sites.fract_transf_matrix[3][1]   0.00872839 
_atom_sites.fract_transf_matrix[3][2]   0.00723251 
_atom_sites.fract_transf_matrix[3][3]   0.00993636 
_atom_sites.fract_transf_vector[1]      0.571724 
_atom_sites.fract_transf_vector[2]      0.514487 
_atom_sites.fract_transf_vector[3]      0.130817 
# 
loop_
_atom_type.symbol 
C  
MG 
N  
O  
P  
# 
loop_
_atom_site.group_PDB 
_atom_site.id 
_atom_site.type_symbol 
_atom_site.label_atom_id 
_atom_site.label_alt_id 
_atom_site.label_comp_id 
_atom_site.label_asym_id 
_atom_site.label_entity_id 
_atom_site.label_seq_id 
_atom_site.pdbx_PDB_ins_code 
_atom_site.Cartn_x 
_atom_site.Cartn_y 
_atom_site.Cartn_z 
_atom_site.occupancy 
_atom_site.B_iso_or_equiv 
_atom_site.pdbx_formal_charge 
_atom_site.auth_seq_id 
_atom_site.auth_comp_id 
_atom_site.auth_asym_id 
_atom_site.auth_atom_id 
_atom_site.pdbx_PDB_model_num 
ATOM   1   O  "O5'" . DC  A 1 1  ? 17.928  12.029  0.845   1.00 11.36 ? 1   DC  A "O5'" 1 
ATOM   2   C  "C5'" . DC  A 1 1  ? 18.004  10.713  0.268   1.00 7.52  ? 1   DC  A "C5'" 1 
ATOM   3   C  "C4'" . DC  A 1 1  ? 17.768  9.683   1.345   1.00 8.24  ? 1   DC  A "C4'" 1 
ATOM   4   O  "O4'" . DC  A 1 1  ? 16.970  10.084  2.419   1.00 11.73 ? 1   DC  A "O4'" 1 
ATOM   5   C  "C3'" . DC  A 1 1  ? 17.095  8.406   0.823   1.00 6.07  ? 1   DC  A "C3'" 1 
ATOM   6   O  "O3'" . DC  A 1 1  ? 17.926  7.290   1.148   1.00 7.16  ? 1   DC  A "O3'" 1 
ATOM   7   C  "C2'" . DC  A 1 1  ? 15.723  8.417   1.497   1.00 6.50  ? 1   DC  A "C2'" 1 
ATOM   8   C  "C1'" . DC  A 1 1  ? 16.147  8.952   2.848   1.00 11.29 ? 1   DC  A "C1'" 1 
ATOM   9   N  N1    . DC  A 1 1  ? 15.093  9.466   3.732   1.00 14.68 ? 1   DC  A N1    1 
ATOM   10  C  C2    . DC  A 1 1  ? 15.089  8.987   5.041   1.00 12.11 ? 1   DC  A C2    1 
ATOM   11  O  O2    . DC  A 1 1  ? 15.901  8.127   5.385   1.00 8.00  ? 1   DC  A O2    1 
ATOM   12  N  N3    . DC  A 1 1  ? 14.129  9.471   5.893   1.00 13.50 ? 1   DC  A N3    1 
ATOM   13  C  C4    . DC  A 1 1  ? 13.224  10.409  5.503   1.00 6.65  ? 1   DC  A C4    1 
ATOM   14  N  N4    . DC  A 1 1  ? 12.318  10.864  6.380   1.00 5.92  ? 1   DC  A N4    1 
ATOM   15  C  C5    . DC  A 1 1  ? 13.259  10.902  4.177   1.00 4.40  ? 1   DC  A C5    1 
ATOM   16  C  C6    . DC  A 1 1  ? 14.197  10.423  3.350   1.00 12.57 ? 1   DC  A C6    1 
ATOM   17  P  P     . DG  A 1 2  ? 17.688  5.833   0.556   1.00 8.02  ? 2   DG  A P     1 
ATOM   18  O  OP1   . DG  A 1 2  ? 18.871  4.981   0.306   1.00 9.03  ? 2   DG  A OP1   1 
ATOM   19  O  OP2   . DG  A 1 2  ? 16.780  6.021   -0.596  1.00 4.98  ? 2   DG  A OP2   1 
ATOM   20  O  "O5'" . DG  A 1 2  ? 16.875  5.200   1.800   1.00 9.95  ? 2   DG  A "O5'" 1 
ATOM   21  C  "C5'" . DG  A 1 2  ? 17.719  4.677   2.879   1.00 4.30  ? 2   DG  A "C5'" 1 
ATOM   22  C  "C4'" . DG  A 1 2  ? 16.870  3.520   3.379   1.00 10.00 ? 2   DG  A "C4'" 1 
ATOM   23  O  "O4'" . DG  A 1 2  ? 15.828  4.137   4.086   1.00 7.84  ? 2   DG  A "O4'" 1 
ATOM   24  C  "C3'" . DG  A 1 2  ? 16.206  2.606   2.354   1.00 2.06  ? 2   DG  A "C3'" 1 
ATOM   25  O  "O3'" . DG  A 1 2  ? 16.189  1.249   2.772   1.00 2.29  ? 2   DG  A "O3'" 1 
ATOM   26  C  "C2'" . DG  A 1 2  ? 14.796  3.166   2.238   1.00 2.77  ? 2   DG  A "C2'" 1 
ATOM   27  C  "C1'" . DG  A 1 2  ? 14.561  3.574   3.668   1.00 0.19  ? 2   DG  A "C1'" 1 
ATOM   28  N  N9    . DG  A 1 2  ? 13.661  4.719   3.846   1.00 0.75  ? 2   DG  A N9    1 
ATOM   29  C  C8    . DG  A 1 2  ? 13.338  5.707   2.978   1.00 10.00 ? 2   DG  A C8    1 
ATOM   30  N  N7    . DG  A 1 2  ? 12.558  6.632   3.472   1.00 0.38  ? 2   DG  A N7    1 
ATOM   31  C  C5    . DG  A 1 2  ? 12.384  6.219   4.802   1.00 5.14  ? 2   DG  A C5    1 
ATOM   32  C  C6    . DG  A 1 2  ? 11.645  6.791   5.870   1.00 10.00 ? 2   DG  A C6    1 
ATOM   33  O  O6    . DG  A 1 2  ? 10.966  7.811   5.794   1.00 0.12  ? 2   DG  A O6    1 
ATOM   34  N  N1    . DG  A 1 2  ? 11.727  6.109   7.059   1.00 10.00 ? 2   DG  A N1    1 
ATOM   35  C  C2    . DG  A 1 2  ? 12.446  4.957   7.197   1.00 5.95  ? 2   DG  A C2    1 
ATOM   36  N  N2    . DG  A 1 2  ? 12.413  4.402   8.414   1.00 8.89  ? 2   DG  A N2    1 
ATOM   37  N  N3    . DG  A 1 2  ? 13.162  4.372   6.228   1.00 0.24  ? 2   DG  A N3    1 
ATOM   38  C  C4    . DG  A 1 2  ? 13.081  5.053   5.059   1.00 1.19  ? 2   DG  A C4    1 
ATOM   39  P  P     . DC  A 1 3  ? 15.972  -0.157  2.145   1.00 3.44  ? 3   DC  A P     1 
ATOM   40  O  OP1   . DC  A 1 3  ? 17.317  -0.824  2.103   1.00 10.15 ? 3   DC  A OP1   1 
ATOM   41  O  OP2   . DC  A 1 3  ? 15.359  -0.194  0.807   1.00 10.00 ? 3   DC  A OP2   1 
ATOM   42  O  "O5'" . DC  A 1 3  ? 14.877  -0.828  3.143   1.00 10.00 ? 3   DC  A "O5'" 1 
ATOM   43  C  "C5'" . DC  A 1 3  ? 15.090  -0.823  4.551   1.00 10.00 ? 3   DC  A "C5'" 1 
ATOM   44  C  "C4'" . DC  A 1 3  ? 13.778  -0.769  5.293   1.00 10.00 ? 3   DC  A "C4'" 1 
ATOM   45  O  "O4'" . DC  A 1 3  ? 13.298  0.569   5.142   1.00 3.96  ? 3   DC  A "O4'" 1 
ATOM   46  C  "C3'" . DC  A 1 3  ? 12.599  -1.625  4.888   1.00 7.43  ? 3   DC  A "C3'" 1 
ATOM   47  O  "O3'" . DC  A 1 3  ? 12.501  -2.904  5.532   1.00 9.92  ? 3   DC  A "O3'" 1 
ATOM   48  C  "C2'" . DC  A 1 3  ? 11.387  -0.774  5.292   1.00 6.81  ? 3   DC  A "C2'" 1 
ATOM   49  C  "C1'" . DC  A 1 3  ? 11.936  0.583   5.614   1.00 1.79  ? 3   DC  A "C1'" 1 
ATOM   50  N  N1    . DC  A 1 3  ? 11.273  1.674   4.879   1.00 3.62  ? 3   DC  A N1    1 
ATOM   51  C  C2    . DC  A 1 3  ? 10.439  2.523   5.577   1.00 4.28  ? 3   DC  A C2    1 
ATOM   52  O  O2    . DC  A 1 3  ? 10.244  2.351   6.780   1.00 10.00 ? 3   DC  A O2    1 
ATOM   53  N  N3    . DC  A 1 3  ? 9.870   3.557   4.873   1.00 10.00 ? 3   DC  A N3    1 
ATOM   54  C  C4    . DC  A 1 3  ? 10.098  3.734   3.547   1.00 0.31  ? 3   DC  A C4    1 
ATOM   55  N  N4    . DC  A 1 3  ? 9.511   4.740   2.887   1.00 9.83  ? 3   DC  A N4    1 
ATOM   56  C  C5    . DC  A 1 3  ? 10.967  2.853   2.851   1.00 0.48  ? 3   DC  A C5    1 
ATOM   57  C  C6    . DC  A 1 3  ? 11.517  1.852   3.549   1.00 4.01  ? 3   DC  A C6    1 
ATOM   58  P  P     . DG  A 1 4  ? 11.516  -4.085  5.154   1.00 12.79 ? 4   DG  A P     1 
ATOM   59  O  OP1   . DG  A 1 4  ? 12.210  -5.455  5.331   1.00 9.66  ? 4   DG  A OP1   1 
ATOM   60  O  OP2   . DG  A 1 4  ? 11.144  -4.011  3.715   1.00 6.47  ? 4   DG  A OP2   1 
ATOM   61  O  "O5'" . DG  A 1 4  ? 10.333  -3.981  6.217   1.00 10.00 ? 4   DG  A "O5'" 1 
ATOM   62  C  "C5'" . DG  A 1 4  ? 10.612  -3.786  7.614   1.00 12.53 ? 4   DG  A "C5'" 1 
ATOM   63  C  "C4'" . DG  A 1 4  ? 9.272   -3.414  8.227   1.00 6.67  ? 4   DG  A "C4'" 1 
ATOM   64  O  "O4'" . DG  A 1 4  ? 8.968   -2.110  7.797   1.00 4.45  ? 4   DG  A "O4'" 1 
ATOM   65  C  "C3'" . DG  A 1 4  ? 8.106   -4.306  7.817   1.00 11.49 ? 4   DG  A "C3'" 1 
ATOM   66  O  "O3'" . DG  A 1 4  ? 7.122   -4.448  8.835   1.00 11.13 ? 4   DG  A "O3'" 1 
ATOM   67  C  "C2'" . DG  A 1 4  ? 7.564   -3.569  6.600   1.00 5.42  ? 4   DG  A "C2'" 1 
ATOM   68  C  "C1'" . DG  A 1 4  ? 7.774   -2.131  7.030   1.00 5.71  ? 4   DG  A "C1'" 1 
ATOM   69  N  N9    . DG  A 1 4  ? 7.817   -1.262  5.836   1.00 7.77  ? 4   DG  A N9    1 
ATOM   70  C  C8    . DG  A 1 4  ? 8.241   -1.468  4.556   1.00 9.44  ? 4   DG  A C8    1 
ATOM   71  N  N7    . DG  A 1 4  ? 8.080   -0.454  3.749   1.00 8.43  ? 4   DG  A N7    1 
ATOM   72  C  C5    . DG  A 1 4  ? 7.492   0.513   4.577   1.00 9.45  ? 4   DG  A C5    1 
ATOM   73  C  C6    . DG  A 1 4  ? 7.057   1.843   4.324   1.00 4.87  ? 4   DG  A C6    1 
ATOM   74  O  O6    . DG  A 1 4  ? 7.101   2.445   3.252   1.00 10.73 ? 4   DG  A O6    1 
ATOM   75  N  N1    . DG  A 1 4  ? 6.507   2.479   5.400   1.00 1.05  ? 4   DG  A N1    1 
ATOM   76  C  C2    . DG  A 1 4  ? 6.411   1.905   6.627   1.00 0.84  ? 4   DG  A C2    1 
ATOM   77  N  N2    . DG  A 1 4  ? 5.845   2.651   7.587   1.00 2.01  ? 4   DG  A N2    1 
ATOM   78  N  N3    . DG  A 1 4  ? 6.790   0.664   6.926   1.00 8.57  ? 4   DG  A N3    1 
ATOM   79  C  C4    . DG  A 1 4  ? 7.313   0.025   5.854   1.00 5.25  ? 4   DG  A C4    1 
ATOM   80  P  P     . DA  A 1 5  ? 5.794   -5.313  8.992   1.00 4.00  ? 5   DA  A P     1 
ATOM   81  O  OP1   . DA  A 1 5  ? 5.844   -6.028  10.272  1.00 10.29 ? 5   DA  A OP1   1 
ATOM   82  O  OP2   . DA  A 1 5  ? 5.534   -5.946  7.687   1.00 5.21  ? 5   DA  A OP2   1 
ATOM   83  O  "O5'" . DA  A 1 5  ? 4.662   -4.103  9.106   1.00 2.75  ? 5   DA  A "O5'" 1 
ATOM   84  C  "C5'" . DA  A 1 5  ? 4.800   -3.190  10.201  1.00 4.86  ? 5   DA  A "C5'" 1 
ATOM   85  C  "C4'" . DA  A 1 5  ? 3.733   -2.134  10.037  1.00 9.85  ? 5   DA  A "C4'" 1 
ATOM   86  O  "O4'" . DA  A 1 5  ? 4.019   -1.232  8.999   1.00 11.58 ? 5   DA  A "O4'" 1 
ATOM   87  C  "C3'" . DA  A 1 5  ? 2.346   -2.707  9.750   1.00 5.85  ? 5   DA  A "C3'" 1 
ATOM   88  O  "O3'" . DA  A 1 5  ? 1.425   -2.026  10.578  1.00 11.33 ? 5   DA  A "O3'" 1 
ATOM   89  C  "C2'" . DA  A 1 5  ? 2.173   -2.522  8.257   1.00 2.64  ? 5   DA  A "C2'" 1 
ATOM   90  C  "C1'" . DA  A 1 5  ? 2.963   -1.254  8.020   1.00 4.27  ? 5   DA  A "C1'" 1 
ATOM   91  N  N9    . DA  A 1 5  ? 3.538   -1.245  6.672   1.00 5.12  ? 5   DA  A N9    1 
ATOM   92  C  C8    . DA  A 1 5  ? 4.173   -2.253  5.994   1.00 6.57  ? 5   DA  A C8    1 
ATOM   93  N  N7    . DA  A 1 5  ? 4.574   -1.938  4.788   1.00 10.00 ? 5   DA  A N7    1 
ATOM   94  C  C5    . DA  A 1 5  ? 4.173   -0.605  4.674   1.00 3.45  ? 5   DA  A C5    1 
ATOM   95  C  C6    . DA  A 1 5  ? 4.307   0.303   3.604   1.00 4.49  ? 5   DA  A C6    1 
ATOM   96  N  N6    . DA  A 1 5  ? 4.893   -0.004  2.456   1.00 4.93  ? 5   DA  A N6    1 
ATOM   97  N  N1    . DA  A 1 5  ? 3.792   1.553   3.870   1.00 8.48  ? 5   DA  A N1    1 
ATOM   98  C  C2    . DA  A 1 5  ? 3.171   1.855   5.032   1.00 10.00 ? 5   DA  A C2    1 
ATOM   99  N  N3    . DA  A 1 5  ? 2.998   1.050   6.071   1.00 10.00 ? 5   DA  A N3    1 
ATOM   100 C  C4    . DA  A 1 5  ? 3.536   -0.166  5.818   1.00 3.23  ? 5   DA  A C4    1 
ATOM   101 P  P     . DA  A 1 6  ? -0.123  -1.795  10.602  1.00 7.19  ? 6   DA  A P     1 
ATOM   102 O  OP1   . DA  A 1 6  ? -0.451  -1.556  12.045  1.00 2.26  ? 6   DA  A OP1   1 
ATOM   103 O  OP2   . DA  A 1 6  ? -0.751  -3.021  10.084  1.00 3.16  ? 6   DA  A OP2   1 
ATOM   104 O  "O5'" . DA  A 1 6  ? -0.413  -0.565  9.731   1.00 5.17  ? 6   DA  A "O5'" 1 
ATOM   105 C  "C5'" . DA  A 1 6  ? -0.416  0.857   9.825   1.00 6.41  ? 6   DA  A "C5'" 1 
ATOM   106 C  "C4'" . DA  A 1 6  ? -1.140  1.292   8.564   1.00 10.00 ? 6   DA  A "C4'" 1 
ATOM   107 O  "O4'" . DA  A 1 6  ? -0.391  0.832   7.445   1.00 0.43  ? 6   DA  A "O4'" 1 
ATOM   108 C  "C3'" . DA  A 1 6  ? -2.558  0.770   8.387   1.00 2.04  ? 6   DA  A "C3'" 1 
ATOM   109 O  "O3'" . DA  A 1 6  ? -3.484  1.849   8.215   1.00 5.13  ? 6   DA  A "O3'" 1 
ATOM   110 C  "C2'" . DA  A 1 6  ? -2.463  -0.135  7.151   1.00 10.00 ? 6   DA  A "C2'" 1 
ATOM   111 C  "C1'" . DA  A 1 6  ? -1.363  0.540   6.388   1.00 10.00 ? 6   DA  A "C1'" 1 
ATOM   112 N  N9    . DA  A 1 6  ? -0.585  -0.223  5.426   1.00 2.80  ? 6   DA  A N9    1 
ATOM   113 C  C8    . DA  A 1 6  ? -0.083  -1.497  5.569   1.00 10.00 ? 6   DA  A C8    1 
ATOM   114 N  N7    . DA  A 1 6  ? 0.647   -1.887  4.567   1.00 3.69  ? 6   DA  A N7    1 
ATOM   115 C  C5    . DA  A 1 6  ? 0.659   -0.790  3.708   1.00 1.37  ? 6   DA  A C5    1 
ATOM   116 C  C6    . DA  A 1 6  ? 1.296   -0.597  2.454   1.00 2.99  ? 6   DA  A C6    1 
ATOM   117 N  N6    . DA  A 1 6  ? 2.033   -1.552  1.868   1.00 0.27  ? 6   DA  A N6    1 
ATOM   118 N  N1    . DA  A 1 6  ? 1.090   0.621   1.881   1.00 10.00 ? 6   DA  A N1    1 
ATOM   119 C  C2    . DA  A 1 6  ? 0.325   1.573   2.503   1.00 2.69  ? 6   DA  A C2    1 
ATOM   120 N  N3    . DA  A 1 6  ? -0.287  1.471   3.688   1.00 1.28  ? 6   DA  A N3    1 
ATOM   121 C  C4    . DA  A 1 6  ? -0.079  0.250   4.233   1.00 2.69  ? 6   DA  A C4    1 
ATOM   122 P  P     . DT  A 1 7  ? -5.053  1.796   7.951   1.00 6.28  ? 7   DT  A P     1 
ATOM   123 O  OP1   . DT  A 1 7  ? -5.669  2.907   8.780   1.00 7.73  ? 7   DT  A OP1   1 
ATOM   124 O  OP2   . DT  A 1 7  ? -5.545  0.427   8.333   1.00 10.00 ? 7   DT  A OP2   1 
ATOM   125 O  "O5'" . DT  A 1 7  ? -5.343  2.095   6.438   1.00 10.00 ? 7   DT  A "O5'" 1 
ATOM   126 C  "C5'" . DT  A 1 7  ? -4.617  3.204   5.848   1.00 5.74  ? 7   DT  A "C5'" 1 
ATOM   127 C  "C4'" . DT  A 1 7  ? -4.665  2.961   4.377   1.00 10.00 ? 7   DT  A "C4'" 1 
ATOM   128 O  "O4'" . DT  A 1 7  ? -3.705  2.025   3.963   1.00 4.68  ? 7   DT  A "O4'" 1 
ATOM   129 C  "C3'" . DT  A 1 7  ? -6.020  2.453   3.854   1.00 3.20  ? 7   DT  A "C3'" 1 
ATOM   130 O  "O3'" . DT  A 1 7  ? -6.752  3.596   3.453   1.00 3.46  ? 7   DT  A "O3'" 1 
ATOM   131 C  "C2'" . DT  A 1 7  ? -5.681  1.445   2.779   1.00 10.00 ? 7   DT  A "C2'" 1 
ATOM   132 C  "C1'" . DT  A 1 7  ? -4.196  1.611   2.652   1.00 10.00 ? 7   DT  A "C1'" 1 
ATOM   133 N  N1    . DT  A 1 7  ? -3.485  0.355   2.388   1.00 3.13  ? 7   DT  A N1    1 
ATOM   134 C  C2    . DT  A 1 7  ? -2.692  0.303   1.257   1.00 0.73  ? 7   DT  A C2    1 
ATOM   135 O  O2    . DT  A 1 7  ? -2.656  1.258   0.479   1.00 0.21  ? 7   DT  A O2    1 
ATOM   136 N  N3    . DT  A 1 7  ? -2.010  -0.861  1.053   1.00 10.00 ? 7   DT  A N3    1 
ATOM   137 C  C4    . DT  A 1 7  ? -2.057  -1.908  1.916   1.00 0.63  ? 7   DT  A C4    1 
ATOM   138 O  O4    . DT  A 1 7  ? -1.375  -2.937  1.632   1.00 4.22  ? 7   DT  A O4    1 
ATOM   139 C  C5    . DT  A 1 7  ? -2.874  -1.820  3.083   1.00 0.63  ? 7   DT  A C5    1 
ATOM   140 C  C7    . DT  A 1 7  ? -2.960  -2.958  4.067   1.00 0.79  ? 7   DT  A C7    1 
ATOM   141 C  C6    . DT  A 1 7  ? -3.540  -0.684  3.273   1.00 1.26  ? 7   DT  A C6    1 
ATOM   142 P  P     . DT  A 1 8  ? -7.924  3.871   2.482   1.00 4.44  ? 8   DT  A P     1 
ATOM   143 O  OP1   . DT  A 1 8  ? -8.363  5.287   2.510   1.00 6.70  ? 8   DT  A OP1   1 
ATOM   144 O  OP2   . DT  A 1 8  ? -9.008  2.951   3.026   1.00 5.98  ? 8   DT  A OP2   1 
ATOM   145 O  "O5'" . DT  A 1 8  ? -7.497  3.445   1.006   1.00 1.18  ? 8   DT  A "O5'" 1 
ATOM   146 C  "C5'" . DT  A 1 8  ? -6.772  4.393   0.184   1.00 1.99  ? 8   DT  A "C5'" 1 
ATOM   147 C  "C4'" . DT  A 1 8  ? -6.532  3.617   -1.104  1.00 3.97  ? 8   DT  A "C4'" 1 
ATOM   148 O  "O4'" . DT  A 1 8  ? -5.771  2.464   -0.842  1.00 1.40  ? 8   DT  A "O4'" 1 
ATOM   149 C  "C3'" . DT  A 1 8  ? -7.845  3.131   -1.720  1.00 3.66  ? 8   DT  A "C3'" 1 
ATOM   150 O  "O3'" . DT  A 1 8  ? -8.296  4.120   -2.627  1.00 11.60 ? 8   DT  A "O3'" 1 
ATOM   151 C  "C2'" . DT  A 1 8  ? -7.512  1.743   -2.241  1.00 2.95  ? 8   DT  A "C2'" 1 
ATOM   152 C  "C1'" . DT  A 1 8  ? -6.053  1.566   -1.943  1.00 10.00 ? 8   DT  A "C1'" 1 
ATOM   153 N  N1    . DT  A 1 8  ? -5.670  0.247   -1.441  1.00 1.06  ? 8   DT  A N1    1 
ATOM   154 C  C2    . DT  A 1 8  ? -4.765  -0.479  -2.200  1.00 3.63  ? 8   DT  A C2    1 
ATOM   155 O  O2    . DT  A 1 8  ? -4.344  -0.031  -3.268  1.00 5.67  ? 8   DT  A O2    1 
ATOM   156 N  N3    . DT  A 1 8  ? -4.388  -1.701  -1.733  1.00 4.83  ? 8   DT  A N3    1 
ATOM   157 C  C4    . DT  A 1 8  ? -4.834  -2.198  -0.537  1.00 1.30  ? 8   DT  A C4    1 
ATOM   158 O  O4    . DT  A 1 8  ? -4.393  -3.335  -0.207  1.00 7.79  ? 8   DT  A O4    1 
ATOM   159 C  C5    . DT  A 1 8  ? -5.750  -1.430  0.223   1.00 1.52  ? 8   DT  A C5    1 
ATOM   160 C  C7    . DT  A 1 8  ? -6.309  -1.916  1.531   1.00 6.19  ? 8   DT  A C7    1 
ATOM   161 C  C6    . DT  A 1 8  ? -6.137  -0.230  -0.250  1.00 4.13  ? 8   DT  A C6    1 
ATOM   162 P  P     . DC  A 1 9  ? -9.021  4.228   -4.001  1.00 7.66  ? 9   DC  A P     1 
ATOM   163 O  OP1   . DC  A 1 9  ? -8.714  5.560   -4.656  1.00 17.25 ? 9   DC  A OP1   1 
ATOM   164 O  OP2   . DC  A 1 9  ? -10.452 4.105   -3.751  1.00 14.93 ? 9   DC  A OP2   1 
ATOM   165 O  "O5'" . DC  A 1 9  ? -8.406  3.032   -4.878  1.00 16.56 ? 9   DC  A "O5'" 1 
ATOM   166 C  "C5'" . DC  A 1 9  ? -7.305  3.384   -5.759  1.00 15.32 ? 9   DC  A "C5'" 1 
ATOM   167 C  "C4'" . DC  A 1 9  ? -7.231  2.238   -6.751  1.00 14.62 ? 9   DC  A "C4'" 1 
ATOM   168 O  "O4'" . DC  A 1 9  ? -6.827  1.112   -6.015  1.00 16.03 ? 9   DC  A "O4'" 1 
ATOM   169 C  "C3'" . DC  A 1 9  ? -8.533  1.909   -7.452  1.00 14.84 ? 9   DC  A "C3'" 1 
ATOM   170 O  "O3'" . DC  A 1 9  ? -8.432  2.058   -8.857  1.00 17.85 ? 9   DC  A "O3'" 1 
ATOM   171 C  "C2'" . DC  A 1 9  ? -8.863  0.474   -7.074  1.00 15.59 ? 9   DC  A "C2'" 1 
ATOM   172 C  "C1'" . DC  A 1 9  ? -7.597  -0.025  -6.435  1.00 18.14 ? 9   DC  A "C1'" 1 
ATOM   173 N  N1    . DC  A 1 9  ? -7.844  -0.888  -5.257  1.00 23.07 ? 9   DC  A N1    1 
ATOM   174 C  C2    . DC  A 1 9  ? -6.994  -1.990  -5.151  1.00 20.17 ? 9   DC  A C2    1 
ATOM   175 O  O2    . DC  A 1 9  ? -6.139  -2.176  -6.028  1.00 24.51 ? 9   DC  A O2    1 
ATOM   176 N  N3    . DC  A 1 9  ? -7.150  -2.811  -4.073  1.00 14.92 ? 9   DC  A N3    1 
ATOM   177 C  C4    . DC  A 1 9  ? -8.110  -2.586  -3.132  1.00 18.21 ? 9   DC  A C4    1 
ATOM   178 N  N4    . DC  A 1 9  ? -8.265  -3.412  -2.093  1.00 6.47  ? 9   DC  A N4    1 
ATOM   179 C  C5    . DC  A 1 9  ? -8.962  -1.455  -3.248  1.00 22.42 ? 9   DC  A C5    1 
ATOM   180 C  C6    . DC  A 1 9  ? -8.784  -0.637  -4.302  1.00 21.53 ? 9   DC  A C6    1 
ATOM   181 P  P     . DG  A 1 10 ? -9.528  2.326   -9.951  1.00 25.82 ? 10  DG  A P     1 
ATOM   182 O  OP1   . DG  A 1 10 ? -9.670  3.814   -10.175 1.00 16.86 ? 10  DG  A OP1   1 
ATOM   183 O  OP2   . DG  A 1 10 ? -10.799 1.669   -9.544  1.00 12.38 ? 10  DG  A OP2   1 
ATOM   184 O  "O5'" . DG  A 1 10 ? -8.904  1.668   -11.278 1.00 15.25 ? 10  DG  A "O5'" 1 
ATOM   185 C  "C5'" . DG  A 1 10 ? -7.921  0.623   -11.170 1.00 12.95 ? 10  DG  A "C5'" 1 
ATOM   186 C  "C4'" . DG  A 1 10 ? -8.459  -0.628  -11.819 1.00 12.56 ? 10  DG  A "C4'" 1 
ATOM   187 O  "O4'" . DG  A 1 10 ? -8.493  -1.663  -10.845 1.00 13.02 ? 10  DG  A "O4'" 1 
ATOM   188 C  "C3'" . DG  A 1 10 ? -9.873  -0.566  -12.394 1.00 11.23 ? 10  DG  A "C3'" 1 
ATOM   189 O  "O3'" . DG  A 1 10 ? -10.123 -1.489  -13.434 1.00 22.82 ? 10  DG  A "O3'" 1 
ATOM   190 C  "C2'" . DG  A 1 10 ? -10.699 -0.899  -11.144 1.00 15.21 ? 10  DG  A "C2'" 1 
ATOM   191 C  "C1'" . DG  A 1 10 ? -9.849  -2.021  -10.562 1.00 8.50  ? 10  DG  A "C1'" 1 
ATOM   192 N  N9    . DG  A 1 10 ? -10.129 -2.264  -9.131  1.00 21.65 ? 10  DG  A N9    1 
ATOM   193 C  C8    . DG  A 1 10 ? -11.023 -1.661  -8.282  1.00 18.01 ? 10  DG  A C8    1 
ATOM   194 N  N7    . DG  A 1 10 ? -11.056 -2.143  -7.077  1.00 16.10 ? 10  DG  A N7    1 
ATOM   195 C  C5    . DG  A 1 10 ? -10.126 -3.175  -7.122  1.00 18.21 ? 10  DG  A C5    1 
ATOM   196 C  C6    . DG  A 1 10 ? -9.709  -4.093  -6.117  1.00 14.23 ? 10  DG  A C6    1 
ATOM   197 O  O6    . DG  A 1 10 ? -10.142 -4.148  -4.971  1.00 8.05  ? 10  DG  A O6    1 
ATOM   198 N  N1    . DG  A 1 10 ? -8.748  -4.979  -6.526  1.00 11.73 ? 10  DG  A N1    1 
ATOM   199 C  C2    . DG  A 1 10 ? -8.239  -4.979  -7.788  1.00 15.78 ? 10  DG  A C2    1 
ATOM   200 N  N2    . DG  A 1 10 ? -7.301  -5.900  -8.032  1.00 14.46 ? 10  DG  A N2    1 
ATOM   201 N  N3    . DG  A 1 10 ? -8.601  -4.145  -8.772  1.00 17.46 ? 10  DG  A N3    1 
ATOM   202 C  C4    . DG  A 1 10 ? -9.543  -3.261  -8.366  1.00 17.82 ? 10  DG  A C4    1 
ATOM   203 P  P     . DC  A 1 11 ? -9.447  -1.565  -14.879 1.00 13.96 ? 11  DC  A P     1 
ATOM   204 O  OP1   . DC  A 1 11 ? -8.491  -0.407  -15.043 1.00 17.19 ? 11  DC  A OP1   1 
ATOM   205 O  OP2   . DC  A 1 11 ? -10.640 -1.556  -15.738 1.00 21.29 ? 11  DC  A OP2   1 
ATOM   206 O  "O5'" . DC  A 1 11 ? -8.643  -2.929  -14.874 1.00 25.36 ? 11  DC  A "O5'" 1 
ATOM   207 C  "C5'" . DC  A 1 11 ? -7.200  -2.828  -14.655 1.00 18.38 ? 11  DC  A "C5'" 1 
ATOM   208 C  "C4'" . DC  A 1 11 ? -6.751  -4.266  -14.496 1.00 14.27 ? 11  DC  A "C4'" 1 
ATOM   209 O  "O4'" . DC  A 1 11 ? -7.137  -4.844  -13.284 1.00 7.58  ? 11  DC  A "O4'" 1 
ATOM   210 C  "C3'" . DC  A 1 11 ? -7.258  -5.187  -15.604 1.00 5.39  ? 11  DC  A "C3'" 1 
ATOM   211 O  "O3'" . DC  A 1 11 ? -6.128  -5.886  -16.077 1.00 15.94 ? 11  DC  A "O3'" 1 
ATOM   212 C  "C2'" . DC  A 1 11 ? -8.313  -6.058  -14.961 1.00 9.56  ? 11  DC  A "C2'" 1 
ATOM   213 C  "C1'" . DC  A 1 11 ? -8.013  -5.975  -13.482 1.00 1.63  ? 11  DC  A "C1'" 1 
ATOM   214 N  N1    . DC  A 1 11 ? -9.231  -5.787  -12.659 1.00 8.62  ? 11  DC  A N1    1 
ATOM   215 C  C2    . DC  A 1 11 ? -9.320  -6.524  -11.482 1.00 4.47  ? 11  DC  A C2    1 
ATOM   216 O  O2    . DC  A 1 11 ? -8.429  -7.303  -11.163 1.00 2.58  ? 11  DC  A O2    1 
ATOM   217 N  N3    . DC  A 1 11 ? -10.437 -6.371  -10.712 1.00 6.03  ? 11  DC  A N3    1 
ATOM   218 C  C4    . DC  A 1 11 ? -11.433 -5.509  -11.059 1.00 1.66  ? 11  DC  A C4    1 
ATOM   219 N  N4    . DC  A 1 11 ? -12.506 -5.346  -10.285 1.00 5.77  ? 11  DC  A N4    1 
ATOM   220 C  C5    . DC  A 1 11 ? -11.330 -4.762  -12.267 1.00 6.10  ? 11  DC  A C5    1 
ATOM   221 C  C6    . DC  A 1 11 ? -10.245 -4.937  -13.013 1.00 2.00  ? 11  DC  A C6    1 
ATOM   222 P  P     . DG  A 1 12 ? -5.882  -7.257  -16.806 1.00 17.26 ? 12  DG  A P     1 
ATOM   223 O  OP1   . DG  A 1 12 ? -4.398  -7.370  -17.031 1.00 14.91 ? 12  DG  A OP1   1 
ATOM   224 O  OP2   . DG  A 1 12 ? -6.732  -7.066  -18.020 1.00 4.66  ? 12  DG  A OP2   1 
ATOM   225 O  "O5'" . DG  A 1 12 ? -6.435  -8.342  -15.803 1.00 16.81 ? 12  DG  A "O5'" 1 
ATOM   226 C  "C5'" . DG  A 1 12 ? -5.735  -9.141  -14.819 1.00 12.43 ? 12  DG  A "C5'" 1 
ATOM   227 C  "C4'" . DG  A 1 12 ? -6.663  -10.332 -14.587 1.00 13.67 ? 12  DG  A "C4'" 1 
ATOM   228 O  "O4'" . DG  A 1 12 ? -7.749  -9.885  -13.817 1.00 9.66  ? 12  DG  A "O4'" 1 
ATOM   229 C  "C3'" . DG  A 1 12 ? -7.231  -10.937 -15.862 1.00 16.09 ? 12  DG  A "C3'" 1 
ATOM   230 O  "O3'" . DG  A 1 12 ? -6.947  -12.331 -16.052 1.00 22.67 ? 12  DG  A "O3'" 1 
ATOM   231 C  "C2'" . DG  A 1 12 ? -8.727  -10.670 -15.809 1.00 12.18 ? 12  DG  A "C2'" 1 
ATOM   232 C  "C1'" . DG  A 1 12 ? -8.978  -10.421 -14.341 1.00 8.39  ? 12  DG  A "C1'" 1 
ATOM   233 N  N9    . DG  A 1 12 ? -10.102 -9.486  -14.134 1.00 6.22  ? 12  DG  A N9    1 
ATOM   234 C  C8    . DG  A 1 12 ? -10.575 -8.482  -14.942 1.00 8.62  ? 12  DG  A C8    1 
ATOM   235 N  N7    . DG  A 1 12 ? -11.603 -7.834  -14.461 1.00 3.13  ? 12  DG  A N7    1 
ATOM   236 C  C5    . DG  A 1 12 ? -11.815 -8.431  -13.226 1.00 3.82  ? 12  DG  A C5    1 
ATOM   237 C  C6    . DG  A 1 12 ? -12.775 -8.188  -12.207 1.00 9.93  ? 12  DG  A C6    1 
ATOM   238 O  O6    . DG  A 1 12 ? -13.676 -7.336  -12.186 1.00 8.62  ? 12  DG  A O6    1 
ATOM   239 N  N1    . DG  A 1 12 ? -12.650 -9.008  -11.116 1.00 5.87  ? 12  DG  A N1    1 
ATOM   240 C  C2    . DG  A 1 12 ? -11.713 -9.988  -11.035 1.00 10.00 ? 12  DG  A C2    1 
ATOM   241 N  N2    . DG  A 1 12 ? -11.731 -10.720 -9.913  1.00 4.97  ? 12  DG  A N2    1 
ATOM   242 N  N3    . DG  A 1 12 ? -10.799 -10.267 -11.947 1.00 10.00 ? 12  DG  A N3    1 
ATOM   243 C  C4    . DG  A 1 12 ? -10.899 -9.449  -13.017 1.00 5.47  ? 12  DG  A C4    1 
ATOM   244 O  "O5'" . DC  B 1 1  ? -18.684 -9.624  -4.191  1.00 14.37 ? 13  DC  B "O5'" 1 
ATOM   245 C  "C5'" . DC  B 1 1  ? -18.097 -10.802 -4.773  1.00 2.10  ? 13  DC  B "C5'" 1 
ATOM   246 C  "C4'" . DC  B 1 1  ? -16.600 -10.791 -4.526  1.00 5.49  ? 13  DC  B "C4'" 1 
ATOM   247 O  "O4'" . DC  B 1 1  ? -15.979 -10.640 -5.785  1.00 10.49 ? 13  DC  B "O4'" 1 
ATOM   248 C  "C3'" . DC  B 1 1  ? -15.986 -9.702  -3.665  1.00 7.20  ? 13  DC  B "C3'" 1 
ATOM   249 O  "O3'" . DC  B 1 1  ? -14.738 -10.019 -3.041  1.00 7.53  ? 13  DC  B "O3'" 1 
ATOM   250 C  "C2'" . DC  B 1 1  ? -15.781 -8.566  -4.683  1.00 4.99  ? 13  DC  B "C2'" 1 
ATOM   251 C  "C1'" . DC  B 1 1  ? -15.288 -9.370  -5.858  1.00 5.12  ? 13  DC  B "C1'" 1 
ATOM   252 N  N1    . DC  B 1 1  ? -15.581 -8.773  -7.162  1.00 2.91  ? 13  DC  B N1    1 
ATOM   253 C  C2    . DC  B 1 1  ? -14.589 -8.889  -8.121  1.00 5.56  ? 13  DC  B C2    1 
ATOM   254 O  O2    . DC  B 1 1  ? -13.526 -9.437  -7.841  1.00 9.78  ? 13  DC  B O2    1 
ATOM   255 N  N3    . DC  B 1 1  ? -14.832 -8.372  -9.361  1.00 6.53  ? 13  DC  B N3    1 
ATOM   256 C  C4    . DC  B 1 1  ? -16.012 -7.754  -9.669  1.00 10.00 ? 13  DC  B C4    1 
ATOM   257 N  N4    . DC  B 1 1  ? -16.187 -7.271  -10.894 1.00 0.77  ? 13  DC  B N4    1 
ATOM   258 C  C5    . DC  B 1 1  ? -17.035 -7.655  -8.692  1.00 5.31  ? 13  DC  B C5    1 
ATOM   259 C  C6    . DC  B 1 1  ? -16.774 -8.178  -7.483  1.00 7.15  ? 13  DC  B C6    1 
ATOM   260 P  P     . DG  B 1 2  ? -14.632 -10.405 -1.443  1.00 5.21  ? 14  DG  B P     1 
ATOM   261 O  OP1   . DG  B 1 2  ? -15.811 -11.295 -1.150  1.00 1.12  ? 14  DG  B OP1   1 
ATOM   262 O  OP2   . DG  B 1 2  ? -14.541 -9.110  -0.756  1.00 5.10  ? 14  DG  B OP2   1 
ATOM   263 O  "O5'" . DG  B 1 2  ? -13.297 -11.298 -1.515  1.00 1.55  ? 14  DG  B "O5'" 1 
ATOM   264 C  "C5'" . DG  B 1 2  ? -13.368 -12.371 -2.493  1.00 3.72  ? 14  DG  B "C5'" 1 
ATOM   265 C  "C4'" . DG  B 1 2  ? -12.003 -12.584 -3.094  1.00 12.72 ? 14  DG  B "C4'" 1 
ATOM   266 O  "O4'" . DG  B 1 2  ? -11.943 -11.909 -4.342  1.00 14.67 ? 14  DG  B "O4'" 1 
ATOM   267 C  "C3'" . DG  B 1 2  ? -10.802 -12.146 -2.253  1.00 11.10 ? 14  DG  B "C3'" 1 
ATOM   268 O  "O3'" . DG  B 1 2  ? -9.860  -13.212 -2.073  1.00 4.79  ? 14  DG  B "O3'" 1 
ATOM   269 C  "C2'" . DG  B 1 2  ? -10.264 -10.913 -2.980  1.00 8.63  ? 14  DG  B "C2'" 1 
ATOM   270 C  "C1'" . DG  B 1 2  ? -10.776 -11.062 -4.383  1.00 2.00  ? 14  DG  B "C1'" 1 
ATOM   271 N  N9    . DG  B 1 2  ? -11.242 -9.759  -4.882  1.00 7.95  ? 14  DG  B N9    1 
ATOM   272 C  C8    . DG  B 1 2  ? -12.176 -8.939  -4.316  1.00 13.28 ? 14  DG  B C8    1 
ATOM   273 N  N7    . DG  B 1 2  ? -12.412 -7.838  -5.001  1.00 8.44  ? 14  DG  B N7    1 
ATOM   274 C  C5    . DG  B 1 2  ? -11.576 -7.976  -6.108  1.00 9.38  ? 14  DG  B C5    1 
ATOM   275 C  C6    . DG  B 1 2  ? -11.371 -7.117  -7.216  1.00 10.50 ? 14  DG  B C6    1 
ATOM   276 O  O6    . DG  B 1 2  ? -11.912 -6.027  -7.423  1.00 10.79 ? 14  DG  B O6    1 
ATOM   277 N  N1    . DG  B 1 2  ? -10.463 -7.601  -8.113  1.00 8.17  ? 14  DG  B N1    1 
ATOM   278 C  C2    . DG  B 1 2  ? -9.803  -8.778  -7.947  1.00 9.32  ? 14  DG  B C2    1 
ATOM   279 N  N2    . DG  B 1 2  ? -8.936  -9.066  -8.922  1.00 7.54  ? 14  DG  B N2    1 
ATOM   280 N  N3    . DG  B 1 2  ? -9.950  -9.620  -6.923  1.00 11.09 ? 14  DG  B N3    1 
ATOM   281 C  C4    . DG  B 1 2  ? -10.863 -9.152  -6.049  1.00 0.25  ? 14  DG  B C4    1 
ATOM   282 P  P     . DC  B 1 3  ? -8.478  -13.088 -1.293  1.00 10.35 ? 15  DC  B P     1 
ATOM   283 O  OP1   . DC  B 1 3  ? -8.010  -14.406 -0.736  1.00 10.86 ? 15  DC  B OP1   1 
ATOM   284 O  OP2   . DC  B 1 3  ? -8.885  -12.106 -0.282  1.00 8.68  ? 15  DC  B OP2   1 
ATOM   285 O  "O5'" . DC  B 1 3  ? -7.411  -12.651 -2.327  1.00 7.01  ? 15  DC  B "O5'" 1 
ATOM   286 C  "C5'" . DC  B 1 3  ? -7.026  -13.303 -3.551  1.00 13.65 ? 15  DC  B "C5'" 1 
ATOM   287 C  "C4'" . DC  B 1 3  ? -6.155  -12.315 -4.320  1.00 0.14  ? 15  DC  B "C4'" 1 
ATOM   288 O  "O4'" . DC  B 1 3  ? -6.888  -11.201 -4.728  1.00 13.32 ? 15  DC  B "O4'" 1 
ATOM   289 C  "C3'" . DC  B 1 3  ? -4.967  -11.774 -3.554  1.00 3.34  ? 15  DC  B "C3'" 1 
ATOM   290 O  "O3'" . DC  B 1 3  ? -3.812  -12.523 -3.931  1.00 5.04  ? 15  DC  B "O3'" 1 
ATOM   291 C  "C2'" . DC  B 1 3  ? -4.886  -10.303 -3.901  1.00 11.82 ? 15  DC  B "C2'" 1 
ATOM   292 C  "C1'" . DC  B 1 3  ? -6.030  -10.022 -4.800  1.00 1.88  ? 15  DC  B "C1'" 1 
ATOM   293 N  N1    . DC  B 1 3  ? -6.949  -8.944  -4.406  1.00 8.84  ? 15  DC  B N1    1 
ATOM   294 C  C2    . DC  B 1 3  ? -7.213  -7.923  -5.309  1.00 5.87  ? 15  DC  B C2    1 
ATOM   295 O  O2    . DC  B 1 3  ? -6.622  -7.863  -6.385  1.00 0.43  ? 15  DC  B O2    1 
ATOM   296 N  N3    . DC  B 1 3  ? -8.117  -6.969  -4.928  1.00 8.16  ? 15  DC  B N3    1 
ATOM   297 C  C4    . DC  B 1 3  ? -8.747  -7.026  -3.719  1.00 3.96  ? 15  DC  B C4    1 
ATOM   298 N  N4    . DC  B 1 3  ? -9.622  -6.094  -3.357  1.00 9.94  ? 15  DC  B N4    1 
ATOM   299 C  C5    . DC  B 1 3  ? -8.484  -8.086  -2.816  1.00 1.36  ? 15  DC  B C5    1 
ATOM   300 C  C6    . DC  B 1 3  ? -7.599  -9.013  -3.211  1.00 7.66  ? 15  DC  B C6    1 
ATOM   301 P  P     . DG  B 1 4  ? -2.478  -12.481 -3.051  1.00 6.08  ? 16  DG  B P     1 
ATOM   302 O  OP1   . DG  B 1 4  ? -2.036  -13.926 -2.921  1.00 14.69 ? 16  DG  B OP1   1 
ATOM   303 O  OP2   . DG  B 1 4  ? -2.863  -11.843 -1.789  1.00 10.45 ? 16  DG  B OP2   1 
ATOM   304 O  "O5'" . DG  B 1 4  ? -1.438  -11.747 -4.025  1.00 3.43  ? 16  DG  B "O5'" 1 
ATOM   305 C  "C5'" . DG  B 1 4  ? -1.655  -11.907 -5.451  1.00 16.77 ? 16  DG  B "C5'" 1 
ATOM   306 C  "C4'" . DG  B 1 4  ? -1.138  -10.691 -6.155  1.00 19.21 ? 16  DG  B "C4'" 1 
ATOM   307 O  "O4'" . DG  B 1 4  ? -1.963  -9.557  -6.005  1.00 15.87 ? 16  DG  B "O4'" 1 
ATOM   308 C  "C3'" . DG  B 1 4  ? 0.221   -10.205 -5.630  1.00 23.06 ? 16  DG  B "C3'" 1 
ATOM   309 O  "O3'" . DG  B 1 4  ? 0.840   -9.417  -6.636  1.00 24.27 ? 16  DG  B "O3'" 1 
ATOM   310 C  "C2'" . DG  B 1 4  ? -0.200  -9.373  -4.416  1.00 18.42 ? 16  DG  B "C2'" 1 
ATOM   311 C  "C1'" . DG  B 1 4  ? -1.353  -8.638  -5.055  1.00 9.33  ? 16  DG  B "C1'" 1 
ATOM   312 N  N9    . DG  B 1 4  ? -2.349  -8.177  -4.083  1.00 9.84  ? 16  DG  B N9    1 
ATOM   313 C  C8    . DG  B 1 4  ? -2.638  -8.581  -2.821  1.00 6.80  ? 16  DG  B C8    1 
ATOM   314 N  N7    . DG  B 1 4  ? -3.614  -7.919  -2.244  1.00 10.62 ? 16  DG  B N7    1 
ATOM   315 C  C5    . DG  B 1 4  ? -3.992  -6.984  -3.206  1.00 8.53  ? 16  DG  B C5    1 
ATOM   316 C  C6    . DG  B 1 4  ? -4.975  -5.967  -3.195  1.00 9.15  ? 16  DG  B C6    1 
ATOM   317 O  O6    . DG  B 1 4  ? -5.760  -5.691  -2.282  1.00 13.56 ? 16  DG  B O6    1 
ATOM   318 N  N1    . DG  B 1 4  ? -5.038  -5.229  -4.349  1.00 6.30  ? 16  DG  B N1    1 
ATOM   319 C  C2    . DG  B 1 4  ? -4.227  -5.456  -5.411  1.00 10.00 ? 16  DG  B C2    1 
ATOM   320 N  N2    . DG  B 1 4  ? -4.406  -4.644  -6.468  1.00 7.92  ? 16  DG  B N2    1 
ATOM   321 N  N3    . DG  B 1 4  ? -3.286  -6.395  -5.483  1.00 9.84  ? 16  DG  B N3    1 
ATOM   322 C  C4    . DG  B 1 4  ? -3.218  -7.122  -4.340  1.00 12.45 ? 16  DG  B C4    1 
ATOM   323 P  P     . DA  B 1 5  ? 2.399   -9.266  -6.867  1.00 28.67 ? 17  DA  B P     1 
ATOM   324 O  OP1   . DA  B 1 5  ? 2.903   -10.389 -7.721  1.00 30.98 ? 17  DA  B OP1   1 
ATOM   325 O  OP2   . DA  B 1 5  ? 3.022   -9.277  -5.515  1.00 26.81 ? 17  DA  B OP2   1 
ATOM   326 O  "O5'" . DA  B 1 5  ? 2.448   -7.865  -7.608  1.00 21.55 ? 17  DA  B "O5'" 1 
ATOM   327 C  "C5'" . DA  B 1 5  ? 1.297   -7.436  -8.389  1.00 19.65 ? 17  DA  B "C5'" 1 
ATOM   328 C  "C4'" . DA  B 1 5  ? 1.134   -5.957  -8.156  1.00 18.69 ? 17  DA  B "C4'" 1 
ATOM   329 O  "O4'" . DA  B 1 5  ? 0.280   -5.652  -7.094  1.00 9.39  ? 17  DA  B "O4'" 1 
ATOM   330 C  "C3'" . DA  B 1 5  ? 2.446   -5.210  -7.879  1.00 11.40 ? 17  DA  B "C3'" 1 
ATOM   331 O  "O3'" . DA  B 1 5  ? 2.474   -4.053  -8.685  1.00 14.76 ? 17  DA  B "O3'" 1 
ATOM   332 C  "C2'" . DA  B 1 5  ? 2.388   -5.023  -6.364  1.00 12.48 ? 17  DA  B "C2'" 1 
ATOM   333 C  "C1'" . DA  B 1 5  ? 0.918   -4.693  -6.198  1.00 8.30  ? 17  DA  B "C1'" 1 
ATOM   334 N  N9    . DA  B 1 5  ? 0.377   -4.932  -4.855  1.00 4.57  ? 17  DA  B N9    1 
ATOM   335 C  C8    . DA  B 1 5  ? 0.757   -5.850  -3.917  1.00 4.62  ? 17  DA  B C8    1 
ATOM   336 N  N7    . DA  B 1 5  ? 0.023   -5.848  -2.840  1.00 4.84  ? 17  DA  B N7    1 
ATOM   337 C  C5    . DA  B 1 5  ? -0.920  -4.862  -3.082  1.00 5.30  ? 17  DA  B C5    1 
ATOM   338 C  C6    . DA  B 1 5  ? -1.999  -4.387  -2.289  1.00 4.21  ? 17  DA  B C6    1 
ATOM   339 N  N6    . DA  B 1 5  ? -2.300  -4.844  -1.087  1.00 10.00 ? 17  DA  B N6    1 
ATOM   340 N  N1    . DA  B 1 5  ? -2.708  -3.378  -2.863  1.00 6.87  ? 17  DA  B N1    1 
ATOM   341 C  C2    . DA  B 1 5  ? -2.442  -2.898  -4.111  1.00 6.43  ? 17  DA  B C2    1 
ATOM   342 N  N3    . DA  B 1 5  ? -1.459  -3.320  -4.898  1.00 4.21  ? 17  DA  B N3    1 
ATOM   343 C  C4    . DA  B 1 5  ? -0.730  -4.293  -4.317  1.00 6.79  ? 17  DA  B C4    1 
ATOM   344 P  P     . DA  B 1 6  ? 3.681   -3.039  -8.902  1.00 23.70 ? 18  DA  B P     1 
ATOM   345 O  OP1   . DA  B 1 6  ? 4.077   -3.146  -10.361 1.00 22.67 ? 18  DA  B OP1   1 
ATOM   346 O  OP2   . DA  B 1 6  ? 4.724   -3.369  -7.920  1.00 13.40 ? 18  DA  B OP2   1 
ATOM   347 O  "O5'" . DA  B 1 6  ? 2.993   -1.616  -8.620  1.00 18.83 ? 18  DA  B "O5'" 1 
ATOM   348 C  "C5'" . DA  B 1 6  ? 1.856   -1.173  -9.414  1.00 14.86 ? 18  DA  B "C5'" 1 
ATOM   349 C  "C4'" . DA  B 1 6  ? 1.158   -0.150  -8.538  1.00 5.08  ? 18  DA  B "C4'" 1 
ATOM   350 O  "O4'" . DA  B 1 6  ? 0.743   -0.756  -7.330  1.00 14.90 ? 18  DA  B "O4'" 1 
ATOM   351 C  "C3'" . DA  B 1 6  ? 2.023   1.016   -8.104  1.00 10.34 ? 18  DA  B "C3'" 1 
ATOM   352 O  "O3'" . DA  B 1 6  ? 1.303   2.248   -8.167  1.00 13.55 ? 18  DA  B "O3'" 1 
ATOM   353 C  "C2'" . DA  B 1 6  ? 2.455   0.654   -6.681  1.00 6.76  ? 18  DA  B "C2'" 1 
ATOM   354 C  "C1'" . DA  B 1 6  ? 1.153   0.053   -6.206  1.00 3.91  ? 18  DA  B "C1'" 1 
ATOM   355 N  N9    . DA  B 1 6  ? 1.310   -0.777  -4.995  1.00 3.27  ? 18  DA  B N9    1 
ATOM   356 C  C8    . DA  B 1 6  ? 2.223   -1.766  -4.746  1.00 7.30  ? 18  DA  B C8    1 
ATOM   357 N  N7    . DA  B 1 6  ? 2.101   -2.342  -3.574  1.00 4.26  ? 18  DA  B N7    1 
ATOM   358 C  C5    . DA  B 1 6  ? 0.998   -1.684  -3.024  1.00 2.95  ? 18  DA  B C5    1 
ATOM   359 C  C6    . DA  B 1 6  ? 0.356   -1.838  -1.774  1.00 1.48  ? 18  DA  B C6    1 
ATOM   360 N  N6    . DA  B 1 6  ? 0.748   -2.715  -0.866  1.00 4.01  ? 18  DA  B N6    1 
ATOM   361 N  N1    . DA  B 1 6  ? -0.695  -1.007  -1.556  1.00 3.42  ? 18  DA  B N1    1 
ATOM   362 C  C2    . DA  B 1 6  ? -1.107  -0.094  -2.484  1.00 2.23  ? 18  DA  B C2    1 
ATOM   363 N  N3    . DA  B 1 6  ? -0.538  0.108   -3.663  1.00 0.68  ? 18  DA  B N3    1 
ATOM   364 C  C4    . DA  B 1 6  ? 0.509   -0.719  -3.880  1.00 3.25  ? 18  DA  B C4    1 
ATOM   365 P  P     . DT  B 1 7  ? 2.116   3.629   -8.286  1.00 18.13 ? 19  DT  B P     1 
ATOM   366 O  OP1   . DT  B 1 7  ? 1.804   4.242   -9.625  1.00 24.38 ? 19  DT  B OP1   1 
ATOM   367 O  OP2   . DT  B 1 7  ? 3.529   3.249   -8.123  1.00 19.75 ? 19  DT  B OP2   1 
ATOM   368 O  "O5'" . DT  B 1 7  ? 1.545   4.534   -7.085  1.00 7.26  ? 19  DT  B "O5'" 1 
ATOM   369 C  "C5'" . DT  B 1 7  ? 0.189   4.476   -6.606  1.00 9.81  ? 19  DT  B "C5'" 1 
ATOM   370 C  "C4'" . DT  B 1 7  ? 0.154   4.638   -5.103  1.00 4.59  ? 19  DT  B "C4'" 1 
ATOM   371 O  "O4'" . DT  B 1 7  ? 0.622   3.468   -4.471  1.00 4.57  ? 19  DT  B "O4'" 1 
ATOM   372 C  "C3'" . DT  B 1 7  ? 1.025   5.738   -4.514  1.00 8.16  ? 19  DT  B "C3'" 1 
ATOM   373 O  "O3'" . DT  B 1 7  ? 0.213   6.898   -4.385  1.00 4.33  ? 19  DT  B "O3'" 1 
ATOM   374 C  "C2'" . DT  B 1 7  ? 1.566   5.173   -3.199  1.00 5.60  ? 19  DT  B "C2'" 1 
ATOM   375 C  "C1'" . DT  B 1 7  ? 0.923   3.822   -3.111  1.00 10.00 ? 19  DT  B "C1'" 1 
ATOM   376 N  N1    . DT  B 1 7  ? 1.724   2.726   -2.565  1.00 3.61  ? 19  DT  B N1    1 
ATOM   377 C  C2    . DT  B 1 7  ? 1.270   2.194   -1.355  1.00 1.08  ? 19  DT  B C2    1 
ATOM   378 O  O2    . DT  B 1 7  ? 0.279   2.664   -0.816  1.00 10.00 ? 19  DT  B O2    1 
ATOM   379 N  N3    . DT  B 1 7  ? 1.978   1.162   -0.813  1.00 10.00 ? 19  DT  B N3    1 
ATOM   380 C  C4    . DT  B 1 7  ? 3.074   0.628   -1.429  1.00 4.33  ? 19  DT  B C4    1 
ATOM   381 O  O4    . DT  B 1 7  ? 3.647   -0.339  -0.845  1.00 1.90  ? 19  DT  B O4    1 
ATOM   382 C  C5    . DT  B 1 7  ? 3.514   1.177   -2.667  1.00 2.51  ? 19  DT  B C5    1 
ATOM   383 C  C7    . DT  B 1 7  ? 4.722   0.623   -3.365  1.00 5.72  ? 19  DT  B C7    1 
ATOM   384 C  C6    . DT  B 1 7  ? 2.814   2.196   -3.187  1.00 0.74  ? 19  DT  B C6    1 
ATOM   385 P  P     . DT  B 1 8  ? 0.554   8.275   -3.743  1.00 8.94  ? 20  DT  B P     1 
ATOM   386 O  OP1   . DT  B 1 8  ? -0.485  9.251   -4.255  1.00 4.40  ? 20  DT  B OP1   1 
ATOM   387 O  OP2   . DT  B 1 8  ? 1.979   8.389   -4.112  1.00 14.27 ? 20  DT  B OP2   1 
ATOM   388 O  "O5'" . DT  B 1 8  ? 0.432   8.164   -2.157  1.00 8.51  ? 20  DT  B "O5'" 1 
ATOM   389 C  "C5'" . DT  B 1 8  ? -0.715  7.585   -1.503  1.00 4.57  ? 20  DT  B "C5'" 1 
ATOM   390 C  "C4'" . DT  B 1 8  ? -0.302  7.316   -0.060  1.00 5.68  ? 20  DT  B "C4'" 1 
ATOM   391 O  "O4'" . DT  B 1 8  ? 0.511   6.156   0.011   1.00 2.06  ? 20  DT  B "O4'" 1 
ATOM   392 C  "C3'" . DT  B 1 8  ? 0.491   8.428   0.629   1.00 1.93  ? 20  DT  B "C3'" 1 
ATOM   393 O  "O3'" . DT  B 1 8  ? -0.380  9.253   1.398   1.00 4.64  ? 20  DT  B "O3'" 1 
ATOM   394 C  "C2'" . DT  B 1 8  ? 1.569   7.697   1.431   1.00 1.40  ? 20  DT  B "C2'" 1 
ATOM   395 C  "C1'" . DT  B 1 8  ? 1.219   6.253   1.280   1.00 10.00 ? 20  DT  B "C1'" 1 
ATOM   396 N  N1    . DT  B 1 8  ? 2.295   5.262   1.137   1.00 5.18  ? 20  DT  B N1    1 
ATOM   397 C  C2    . DT  B 1 8  ? 2.409   4.323   2.143   1.00 10.00 ? 20  DT  B C2    1 
ATOM   398 O  O2    . DT  B 1 8  ? 1.696   4.393   3.131   1.00 10.00 ? 20  DT  B O2    1 
ATOM   399 N  N3    . DT  B 1 8  ? 3.371   3.362   1.998   1.00 8.57  ? 20  DT  B N3    1 
ATOM   400 C  C4    . DT  B 1 8  ? 4.168   3.288   0.888   1.00 6.92  ? 20  DT  B C4    1 
ATOM   401 O  O4    . DT  B 1 8  ? 5.024   2.357   0.834   1.00 5.12  ? 20  DT  B O4    1 
ATOM   402 C  C5    . DT  B 1 8  ? 3.997   4.253   -0.148  1.00 6.76  ? 20  DT  B C5    1 
ATOM   403 C  C7    . DT  B 1 8  ? 4.866   4.236   -1.392  1.00 6.29  ? 20  DT  B C7    1 
ATOM   404 C  C6    . DT  B 1 8  ? 3.055   5.184   0.012   1.00 10.00 ? 20  DT  B C6    1 
ATOM   405 P  P     . DC  B 1 9  ? -0.191  10.312  2.593   1.00 5.73  ? 21  DC  B P     1 
ATOM   406 O  OP1   . DC  B 1 9  ? -1.464  11.011  2.862   1.00 14.15 ? 21  DC  B OP1   1 
ATOM   407 O  OP2   . DC  B 1 9  ? 0.987   11.176  2.290   1.00 5.29  ? 21  DC  B OP2   1 
ATOM   408 O  "O5'" . DC  B 1 9  ? 0.201   9.290   3.757   1.00 9.72  ? 21  DC  B "O5'" 1 
ATOM   409 C  "C5'" . DC  B 1 9  ? -0.541  8.737   4.843   1.00 1.38  ? 21  DC  B "C5'" 1 
ATOM   410 C  "C4'" . DC  B 1 9  ? 0.485   8.094   5.757   1.00 10.00 ? 21  DC  B "C4'" 1 
ATOM   411 O  "O4'" . DC  B 1 9  ? 1.327   7.216   5.053   1.00 5.68  ? 21  DC  B "O4'" 1 
ATOM   412 C  "C3'" . DC  B 1 9  ? 1.396   9.049   6.497   1.00 5.11  ? 21  DC  B "C3'" 1 
ATOM   413 O  "O3'" . DC  B 1 9  ? 1.104   8.985   7.886   1.00 9.45  ? 21  DC  B "O3'" 1 
ATOM   414 C  "C2'" . DC  B 1 9  ? 2.830   8.568   6.261   1.00 3.26  ? 21  DC  B "C2'" 1 
ATOM   415 C  "C1'" . DC  B 1 9  ? 2.576   7.158   5.799   1.00 8.42  ? 21  DC  B "C1'" 1 
ATOM   416 N  N1    . DC  B 1 9  ? 3.621   6.621   4.911   1.00 8.31  ? 21  DC  B N1    1 
ATOM   417 C  C2    . DC  B 1 9  ? 4.218   5.442   5.325   1.00 1.73  ? 21  DC  B C2    1 
ATOM   418 O  O2    . DC  B 1 9  ? 3.907   4.925   6.387   1.00 4.47  ? 21  DC  B O2    1 
ATOM   419 N  N3    . DC  B 1 9  ? 5.186   4.910   4.520   1.00 10.00 ? 21  DC  B N3    1 
ATOM   420 C  C4    . DC  B 1 9  ? 5.533   5.478   3.338   1.00 0.59  ? 21  DC  B C4    1 
ATOM   421 N  N4    . DC  B 1 9  ? 6.477   4.899   2.589   1.00 10.00 ? 21  DC  B N4    1 
ATOM   422 C  C5    . DC  B 1 9  ? 4.890   6.677   2.931   1.00 12.08 ? 21  DC  B C5    1 
ATOM   423 C  C6    . DC  B 1 9  ? 3.958   7.209   3.733   1.00 0.12  ? 21  DC  B C6    1 
ATOM   424 P  P     . DG  B 1 10 ? 1.262   10.027  9.021   1.00 4.83  ? 22  DG  B P     1 
ATOM   425 O  OP1   . DG  B 1 10 ? -0.208  10.286  9.440   1.00 9.25  ? 22  DG  B OP1   1 
ATOM   426 O  OP2   . DG  B 1 10 ? 1.820   11.281  8.466   1.00 17.59 ? 22  DG  B OP2   1 
ATOM   427 O  "O5'" . DG  B 1 10 ? 2.098   9.424   10.186  1.00 10.77 ? 22  DG  B "O5'" 1 
ATOM   428 C  "C5'" . DG  B 1 10 ? 2.176   8.093   10.753  1.00 4.19  ? 22  DG  B "C5'" 1 
ATOM   429 C  "C4'" . DG  B 1 10 ? 3.649   7.807   10.977  1.00 10.00 ? 22  DG  B "C4'" 1 
ATOM   430 O  "O4'" . DG  B 1 10 ? 4.282   7.432   9.748   1.00 8.15  ? 22  DG  B "O4'" 1 
ATOM   431 C  "C3'" . DG  B 1 10 ? 4.507   8.956   11.481  1.00 4.07  ? 22  DG  B "C3'" 1 
ATOM   432 O  "O3'" . DG  B 1 10 ? 5.477   8.479   12.414  1.00 5.66  ? 22  DG  B "O3'" 1 
ATOM   433 C  "C2'" . DG  B 1 10 ? 5.309   9.397   10.243  1.00 8.15  ? 22  DG  B "C2'" 1 
ATOM   434 C  "C1'" . DG  B 1 10 ? 5.631   7.999   9.740   1.00 1.70  ? 22  DG  B "C1'" 1 
ATOM   435 N  N9    . DG  B 1 10 ? 6.208   7.968   8.400   1.00 4.39  ? 22  DG  B N9    1 
ATOM   436 C  C8    . DG  B 1 10 ? 6.044   8.875   7.391   1.00 3.35  ? 22  DG  B C8    1 
ATOM   437 N  N7    . DG  B 1 10 ? 6.673   8.565   6.298   1.00 7.85  ? 22  DG  B N7    1 
ATOM   438 C  C5    . DG  B 1 10 ? 7.308   7.365   6.596   1.00 2.69  ? 22  DG  B C5    1 
ATOM   439 C  C6    . DG  B 1 10 ? 8.145   6.530   5.803   1.00 6.51  ? 22  DG  B C6    1 
ATOM   440 O  O6    . DG  B 1 10 ? 8.508   6.703   4.633   1.00 3.12  ? 22  DG  B O6    1 
ATOM   441 N  N1    . DG  B 1 10 ? 8.581   5.411   6.468   1.00 2.93  ? 22  DG  B N1    1 
ATOM   442 C  C2    . DG  B 1 10 ? 8.256   5.119   7.749   1.00 1.42  ? 22  DG  B C2    1 
ATOM   443 N  N2    . DG  B 1 10 ? 8.788   3.965   8.213   1.00 10.00 ? 22  DG  B N2    1 
ATOM   444 N  N3    . DG  B 1 10 ? 7.468   5.874   8.507   1.00 3.75  ? 22  DG  B N3    1 
ATOM   445 C  C4    . DG  B 1 10 ? 7.025   6.977   7.880   1.00 3.87  ? 22  DG  B C4    1 
ATOM   446 P  P     . DC  B 1 11 ? 5.469   8.957   13.914  1.00 11.06 ? 23  DC  B P     1 
ATOM   447 O  OP1   . DC  B 1 11 ? 4.063   8.616   14.331  1.00 10.34 ? 23  DC  B OP1   1 
ATOM   448 O  OP2   . DC  B 1 11 ? 5.965   10.348  13.917  1.00 10.59 ? 23  DC  B OP2   1 
ATOM   449 O  "O5'" . DC  B 1 11 ? 6.587   8.019   14.643  1.00 19.50 ? 23  DC  B "O5'" 1 
ATOM   450 C  "C5'" . DC  B 1 11 ? 6.486   6.573   14.587  1.00 13.70 ? 23  DC  B "C5'" 1 
ATOM   451 C  "C4'" . DC  B 1 11 ? 7.881   6.007   14.427  1.00 17.53 ? 23  DC  B "C4'" 1 
ATOM   452 O  "O4'" . DC  B 1 11 ? 8.029   5.731   13.048  1.00 15.68 ? 23  DC  B "O4'" 1 
ATOM   453 C  "C3'" . DC  B 1 11 ? 9.087   6.861   14.799  1.00 20.40 ? 23  DC  B "C3'" 1 
ATOM   454 O  "O3'" . DC  B 1 11 ? 9.485   6.802   16.173  1.00 22.63 ? 23  DC  B "O3'" 1 
ATOM   455 C  "C2'" . DC  B 1 11 ? 10.183  6.315   13.871  1.00 6.09  ? 23  DC  B "C2'" 1 
ATOM   456 C  "C1'" . DC  B 1 11 ? 9.426   5.849   12.682  1.00 10.59 ? 23  DC  B "C1'" 1 
ATOM   457 N  N1    . DC  B 1 11 ? 9.527   6.747   11.516  1.00 5.09  ? 23  DC  B N1    1 
ATOM   458 C  C2    . DC  B 1 11 ? 10.366  6.322   10.495  1.00 6.64  ? 23  DC  B C2    1 
ATOM   459 O  O2    . DC  B 1 11 ? 11.020  5.287   10.594  1.00 6.43  ? 23  DC  B O2    1 
ATOM   460 N  N3    . DC  B 1 11 ? 10.437  7.100   9.373   1.00 6.52  ? 23  DC  B N3    1 
ATOM   461 C  C4    . DC  B 1 11 ? 9.731   8.261   9.270   1.00 6.48  ? 23  DC  B C4    1 
ATOM   462 N  N4    . DC  B 1 11 ? 9.871   8.974   8.154   1.00 4.85  ? 23  DC  B N4    1 
ATOM   463 C  C5    . DC  B 1 11 ? 8.879   8.680   10.326  1.00 5.95  ? 23  DC  B C5    1 
ATOM   464 C  C6    . DC  B 1 11 ? 8.805   7.896   11.405  1.00 0.60  ? 23  DC  B C6    1 
ATOM   465 P  P     . DG  B 1 12 ? 10.777  7.471   16.866  1.00 32.70 ? 24  DG  B P     1 
ATOM   466 O  OP1   . DG  B 1 12 ? 10.957  7.091   18.292  1.00 33.99 ? 24  DG  B OP1   1 
ATOM   467 O  OP2   . DG  B 1 12 ? 10.595  8.965   16.713  1.00 32.48 ? 24  DG  B OP2   1 
ATOM   468 O  "O5'" . DG  B 1 12 ? 11.982  6.919   15.978  1.00 23.90 ? 24  DG  B "O5'" 1 
ATOM   469 C  "C5'" . DG  B 1 12 ? 12.966  5.987   16.486  1.00 18.41 ? 24  DG  B "C5'" 1 
ATOM   470 C  "C4'" . DG  B 1 12 ? 14.009  5.774   15.412  1.00 19.39 ? 24  DG  B "C4'" 1 
ATOM   471 O  "O4'" . DG  B 1 12 ? 13.423  5.566   14.126  1.00 18.30 ? 24  DG  B "O4'" 1 
ATOM   472 C  "C3'" . DG  B 1 12 ? 14.965  6.957   15.232  1.00 13.43 ? 24  DG  B "C3'" 1 
ATOM   473 O  "O3'" . DG  B 1 12 ? 15.943  7.044   16.272  1.00 20.24 ? 24  DG  B "O3'" 1 
ATOM   474 C  "C2'" . DG  B 1 12 ? 15.529  6.671   13.848  1.00 10.01 ? 24  DG  B "C2'" 1 
ATOM   475 C  "C1'" . DG  B 1 12 ? 14.266  6.175   13.134  1.00 11.57 ? 24  DG  B "C1'" 1 
ATOM   476 N  N9    . DG  B 1 12 ? 13.658  7.327   12.427  1.00 10.80 ? 24  DG  B N9    1 
ATOM   477 C  C8    . DG  B 1 12 ? 12.881  8.364   12.868  1.00 1.01  ? 24  DG  B C8    1 
ATOM   478 N  N7    . DG  B 1 12 ? 12.555  9.222   11.937  1.00 3.57  ? 24  DG  B N7    1 
ATOM   479 C  C5    . DG  B 1 12 ? 13.176  8.727   10.795  1.00 0.27  ? 24  DG  B C5    1 
ATOM   480 C  C6    . DG  B 1 12 ? 13.232  9.190   9.452   1.00 10.00 ? 24  DG  B C6    1 
ATOM   481 O  O6    . DG  B 1 12 ? 12.694  10.168  8.972   1.00 10.00 ? 24  DG  B O6    1 
ATOM   482 N  N1    . DG  B 1 12 ? 13.983  8.419   8.611   1.00 0.37  ? 24  DG  B N1    1 
ATOM   483 C  C2    . DG  B 1 12 ? 14.612  7.290   9.011   1.00 10.00 ? 24  DG  B C2    1 
ATOM   484 N  N2    . DG  B 1 12 ? 15.309  6.627   8.094   1.00 10.00 ? 24  DG  B N2    1 
ATOM   485 N  N3    . DG  B 1 12 ? 14.598  6.829   10.252  1.00 3.25  ? 24  DG  B N3    1 
ATOM   486 C  C4    . DG  B 1 12 ? 13.868  7.578   11.093  1.00 10.00 ? 24  DG  B C4    1 
HETATM 487 O  O1    . HT  C 2 .  ? 1.673   4.295   10.298  1.00 19.62 ? 25  HT  A O1    1 
HETATM 488 C  C1    . HT  C 2 .  ? 0.945   4.444   9.188   1.00 8.52  ? 25  HT  A C1    1 
HETATM 489 C  C4    . HT  C 2 .  ? -0.606  4.731   6.880   1.00 17.19 ? 25  HT  A C4    1 
HETATM 490 C  C2    . HT  C 2 .  ? 0.047   5.513   9.068   1.00 16.81 ? 25  HT  A C2    1 
HETATM 491 C  C3    . HT  C 2 .  ? -0.737  5.657   7.910   1.00 12.09 ? 25  HT  A C3    1 
HETATM 492 C  C6    . HT  C 2 .  ? 1.048   3.506   8.159   1.00 11.67 ? 25  HT  A C6    1 
HETATM 493 C  C5    . HT  C 2 .  ? 0.276   3.649   7.002   1.00 17.24 ? 25  HT  A C5    1 
HETATM 494 C  C7    . HT  C 2 .  ? -1.403  4.866   5.620   1.00 11.47 ? 25  HT  A C7    1 
HETATM 495 N  N1    . HT  C 2 .  ? -1.173  4.133   4.531   1.00 19.25 ? 25  HT  A N1    1 
HETATM 496 C  C8    . HT  C 2 .  ? -1.870  4.691   3.480   1.00 15.95 ? 25  HT  A C8    1 
HETATM 497 C  C9    . HT  C 2 .  ? -2.531  5.791   3.974   1.00 15.35 ? 25  HT  A C9    1 
HETATM 498 N  N2    . HT  C 2 .  ? -2.210  5.874   5.323   1.00 14.86 ? 25  HT  A N2    1 
HETATM 499 C  C10   . HT  C 2 .  ? -3.322  6.584   3.175   1.00 15.64 ? 25  HT  A C10   1 
HETATM 500 C  C11   . HT  C 2 .  ? -3.444  6.225   1.844   1.00 14.56 ? 25  HT  A C11   1 
HETATM 501 C  C12   . HT  C 2 .  ? -2.762  5.085   1.339   1.00 14.25 ? 25  HT  A C12   1 
HETATM 502 C  C13   . HT  C 2 .  ? -1.967  4.310   2.161   1.00 16.25 ? 25  HT  A C13   1 
HETATM 503 C  C14   . HT  C 2 .  ? -2.928  4.760   -0.050  1.00 16.34 ? 25  HT  A C14   1 
HETATM 504 N  N3    . HT  C 2 .  ? -2.600  3.757   -0.553  1.00 20.78 ? 25  HT  A N3    1 
HETATM 505 C  C15   . HT  C 2 .  ? -2.896  3.732   -1.886  1.00 17.96 ? 25  HT  A C15   1 
HETATM 506 C  C16   . HT  C 2 .  ? -3.484  4.950   -2.115  1.00 15.78 ? 25  HT  A C16   1 
HETATM 507 N  N4    . HT  C 2 .  ? -3.495  5.605   -0.890  1.00 21.67 ? 25  HT  A N4    1 
HETATM 508 C  C17   . HT  C 2 .  ? -3.995  5.464   -3.287  1.00 14.92 ? 25  HT  A C17   1 
HETATM 509 C  C18   . HT  C 2 .  ? -3.849  4.594   -4.341  1.00 16.73 ? 25  HT  A C18   1 
HETATM 510 C  C19   . HT  C 2 .  ? -3.235  3.320   -4.197  1.00 14.26 ? 25  HT  A C19   1 
HETATM 511 C  C20   . HT  C 2 .  ? -2.816  3.051   -2.909  1.00 18.46 ? 25  HT  A C20   1 
HETATM 512 N  N5    . HT  C 2 .  ? -3.136  2.447   -5.418  1.00 20.93 ? 25  HT  A N5    1 
HETATM 513 C  C21   . HT  C 2 .  ? -2.980  3.058   -6.404  1.00 21.89 ? 25  HT  A C21   1 
HETATM 514 C  C22   . HT  C 2 .  ? -3.179  2.300   -7.690  1.00 21.71 ? 25  HT  A C22   1 
HETATM 515 N  N6    . HT  C 2 .  ? -3.212  0.841   -7.575  1.00 15.19 ? 25  HT  A N6    1 
HETATM 516 C  C23   . HT  C 2 .  ? -2.226  0.417   -6.593  1.00 19.43 ? 25  HT  A C23   1 
HETATM 517 C  C24   . HT  C 2 .  ? -2.579  1.115   -5.311  1.00 19.86 ? 25  HT  A C24   1 
HETATM 518 C  C25   . HT  C 2 .  ? -2.871  0.181   -8.812  1.00 20.13 ? 25  HT  A C25   1 
HETATM 519 MG MG    . MG  D 3 .  ? 9.608   9.880   1.960   1.00 6.90  ? 26  MG  A MG    1 
HETATM 520 O  O     . HOH E 4 .  ? 19.358  14.721  1.828   1.00 19.13 ? 29  HOH A O     1 
HETATM 521 O  O     . HOH E 4 .  ? 3.548   -4.950  5.375   1.00 9.47  ? 35  HOH A O     1 
HETATM 522 O  O     . HOH E 4 .  ? -9.021  -8.436  -18.312 1.00 3.13  ? 36  HOH A O     1 
HETATM 523 O  O     . HOH E 4 .  ? 9.806   12.284  5.138   1.00 9.77  ? 37  HOH A O     1 
HETATM 524 O  O     . HOH E 4 .  ? -5.332  8.194   -1.675  1.00 3.53  ? 38  HOH A O     1 
HETATM 525 O  O     . HOH E 4 .  ? -6.479  6.651   4.683   1.00 10.30 ? 39  HOH A O     1 
HETATM 526 O  O     . HOH E 4 .  ? -5.653  1.988   11.609  1.00 4.47  ? 40  HOH A O     1 
HETATM 527 O  O     . HOH E 4 .  ? 9.485   4.493   -0.181  1.00 33.54 ? 41  HOH A O     1 
HETATM 528 O  O     . HOH E 4 .  ? -3.472  -10.234 8.716   1.00 13.70 ? 42  HOH A O     1 
HETATM 529 O  O     . HOH E 4 .  ? -5.294  -6.970  -11.886 1.00 14.58 ? 44  HOH A O     1 
HETATM 530 O  O     . HOH E 4 .  ? 12.014  -1.451  8.084   1.00 10.59 ? 45  HOH A O     1 
HETATM 531 O  O     . HOH E 4 .  ? -11.764 4.900   -6.319  1.00 18.63 ? 46  HOH A O     1 
HETATM 532 O  O     . HOH E 4 .  ? -6.504  -9.382  -11.382 1.00 15.21 ? 49  HOH A O     1 
HETATM 533 O  O     . HOH E 4 .  ? -4.169  7.821   5.597   1.00 9.34  ? 52  HOH A O     1 
HETATM 534 O  O     . HOH E 4 .  ? -2.133  -9.644  5.591   1.00 19.51 ? 53  HOH A O     1 
HETATM 535 O  O     . HOH E 4 .  ? -13.118 0.520   -10.445 1.00 30.83 ? 55  HOH A O     1 
HETATM 536 O  O     . HOH E 4 .  ? 1.503   -4.679  3.543   1.00 25.60 ? 56  HOH A O     1 
HETATM 537 O  O     . HOH E 4 .  ? -4.023  9.422   0.378   1.00 24.01 ? 57  HOH A O     1 
HETATM 538 O  O     . HOH E 4 .  ? 5.809   -0.922  11.338  1.00 17.85 ? 60  HOH A O     1 
HETATM 539 O  O     . HOH E 4 .  ? -5.835  -1.425  6.000   1.00 10.00 ? 61  HOH A O     1 
HETATM 540 O  O     . HOH E 4 .  ? -0.252  -2.466  14.645  1.00 13.61 ? 62  HOH A O     1 
HETATM 541 O  O     . HOH E 4 .  ? 7.845   2.409   0.663   1.00 19.01 ? 63  HOH A O     1 
HETATM 542 O  O     . HOH E 4 .  ? -13.566 -1.405  -6.737  1.00 35.80 ? 64  HOH A O     1 
HETATM 543 O  O     . HOH E 4 .  ? 6.561   11.493  4.346   1.00 16.22 ? 66  HOH A O     1 
HETATM 544 O  O     . HOH E 4 .  ? 10.544  14.746  1.853   1.00 40.03 ? 67  HOH A O     1 
HETATM 545 O  O     . HOH E 4 .  ? -3.681  -5.289  -15.089 1.00 16.02 ? 70  HOH A O     1 
HETATM 546 O  O     . HOH E 4 .  ? 0.200   6.455   11.659  1.00 6.40  ? 71  HOH A O     1 
HETATM 547 O  O     . HOH E 4 .  ? 3.109   -8.017  7.572   1.00 25.00 ? 72  HOH A O     1 
HETATM 548 O  O     . HOH E 4 .  ? -10.284 -3.816  -17.627 1.00 26.47 ? 74  HOH A O     1 
HETATM 549 O  O     . HOH E 4 .  ? -12.582 0.078   -14.064 1.00 17.93 ? 75  HOH A O     1 
HETATM 550 O  O     . HOH E 4 .  ? -8.243  8.179   1.114   1.00 26.47 ? 79  HOH A O     1 
HETATM 551 O  O     . HOH E 4 .  ? -4.814  -14.853 -16.312 1.00 6.57  ? 80  HOH A O     1 
HETATM 552 O  O     . HOH E 4 .  ? -3.623  -4.741  -11.775 1.00 16.03 ? 82  HOH A O     1 
HETATM 553 O  O     . HOH E 4 .  ? -11.341 -6.417  -17.282 1.00 28.50 ? 83  HOH A O     1 
HETATM 554 O  O     . HOH E 4 .  ? -7.118  9.231   -3.900  1.00 21.82 ? 86  HOH A O     1 
HETATM 555 O  O     . HOH E 4 .  ? 1.052   -6.544  9.544   1.00 18.90 ? 88  HOH A O     1 
HETATM 556 O  O     . HOH E 4 .  ? -8.225  6.740   -1.244  1.00 31.77 ? 94  HOH A O     1 
HETATM 557 O  O     . HOH E 4 .  ? -8.700  0.254   -17.664 1.00 36.84 ? 95  HOH A O     1 
HETATM 558 O  O     . HOH E 4 .  ? -12.148 1.581   -6.977  1.00 18.80 ? 96  HOH A O     1 
HETATM 559 O  O     . HOH E 4 .  ? 3.510   -5.066  1.580   1.00 17.71 ? 97  HOH A O     1 
HETATM 560 O  O     . HOH E 4 .  ? 17.345  -3.716  2.512   1.00 5.50  ? 99  HOH A O     1 
HETATM 561 O  O     . HOH E 4 .  ? 3.521   -7.183  11.685  1.00 19.78 ? 102 HOH A O     1 
HETATM 562 O  O     . HOH E 4 .  ? -2.360  4.090   11.847  1.00 33.80 ? 104 HOH A O     1 
HETATM 563 O  O     . HOH E 4 .  ? -6.118  3.560   -11.520 1.00 13.74 ? 105 HOH A O     1 
HETATM 564 O  O     . HOH E 4 .  ? 2.996   -8.094  4.576   1.00 23.20 ? 107 HOH A O     1 
HETATM 565 O  O     . HOH E 4 .  ? 0.471   -9.164  4.635   1.00 29.17 ? 110 HOH A O     1 
HETATM 566 O  O     . HOH E 4 .  ? 17.054  -0.025  -1.630  1.00 31.65 ? 112 HOH A O     1 
HETATM 567 O  O     . HOH E 4 .  ? -6.175  -5.173  -20.340 1.00 24.70 ? 115 HOH A O     1 
HETATM 568 O  O     . HOH E 4 .  ? 15.267  -4.834  4.809   1.00 32.67 ? 116 HOH A O     1 
HETATM 569 O  O     . HOH E 4 .  ? 3.622   1.513   10.116  1.00 37.47 ? 117 HOH A O     1 
HETATM 570 O  O     . HOH E 4 .  ? -3.867  5.555   9.185   1.00 42.14 ? 118 HOH A O     1 
HETATM 571 O  O     . HOH E 4 .  ? 6.497   -4.865  13.150  1.00 19.01 ? 120 HOH A O     1 
HETATM 572 O  O     . HOH E 4 .  ? 8.116   11.093  2.136   1.00 1.96  ? 121 HOH A O     1 
HETATM 573 O  O     . HOH E 4 .  ? 11.082  8.467   1.744   1.00 9.54  ? 122 HOH A O     1 
HETATM 574 O  O     . HOH E 4 .  ? 10.915  11.285  1.741   1.00 4.72  ? 123 HOH A O     1 
HETATM 575 O  O     . HOH E 4 .  ? 9.903   9.840   3.953   1.00 9.74  ? 125 HOH A O     1 
HETATM 576 O  O     . HOH E 4 .  ? 9.296   9.682   0.033   1.00 9.59  ? 126 HOH A O     1 
HETATM 577 O  O     . HOH F 4 .  ? 3.751   8.160   -2.101  1.00 17.76 ? 27  HOH B O     1 
HETATM 578 O  O     . HOH F 4 .  ? -13.131 -5.480  -3.981  1.00 18.48 ? 28  HOH B O     1 
HETATM 579 O  O     . HOH F 4 .  ? -16.498 -16.780 0.076   1.00 17.28 ? 30  HOH B O     1 
HETATM 580 O  O     . HOH F 4 .  ? 4.383   -3.431  -4.494  1.00 36.12 ? 31  HOH B O     1 
HETATM 581 O  O     . HOH F 4 .  ? -16.447 -13.961 -1.509  1.00 14.98 ? 32  HOH B O     1 
HETATM 582 O  O     . HOH F 4 .  ? 3.742   10.358  2.235   1.00 4.49  ? 33  HOH B O     1 
HETATM 583 O  O     . HOH F 4 .  ? 7.318   6.783   0.408   1.00 13.35 ? 34  HOH B O     1 
HETATM 584 O  O     . HOH F 4 .  ? 2.123   11.717  -0.503  1.00 0.07  ? 43  HOH B O     1 
HETATM 585 O  O     . HOH F 4 .  ? -18.668 -10.817 -7.815  1.00 7.86  ? 47  HOH B O     1 
HETATM 586 O  O     . HOH F 4 .  ? 2.560   11.478  13.328  1.00 23.02 ? 48  HOH B O     1 
HETATM 587 O  O     . HOH F 4 .  ? 5.177   0.926   -10.165 1.00 25.63 ? 50  HOH B O     1 
HETATM 588 O  O     . HOH F 4 .  ? 10.814  11.184  12.490  1.00 29.87 ? 51  HOH B O     1 
HETATM 589 O  O     . HOH F 4 .  ? -11.728 -7.846  -0.725  1.00 31.70 ? 54  HOH B O     1 
HETATM 590 O  O     . HOH F 4 .  ? 5.661   -2.079  -1.539  1.00 11.47 ? 58  HOH B O     1 
HETATM 591 O  O     . HOH F 4 .  ? 1.854   6.819   13.828  1.00 9.80  ? 59  HOH B O     1 
HETATM 592 O  O     . HOH F 4 .  ? 4.006   8.114   17.234  1.00 7.39  ? 65  HOH B O     1 
HETATM 593 O  O     . HOH F 4 .  ? -2.989  10.142  -3.661  1.00 22.52 ? 68  HOH B O     1 
HETATM 594 O  O     . HOH F 4 .  ? -4.556  -14.643 -0.961  1.00 52.73 ? 69  HOH B O     1 
HETATM 595 O  O     . HOH F 4 .  ? -1.757  11.103  -1.407  1.00 17.39 ? 73  HOH B O     1 
HETATM 596 O  O     . HOH F 4 .  ? 3.428   -4.173  -1.887  1.00 18.31 ? 76  HOH B O     1 
HETATM 597 O  O     . HOH F 4 .  ? -14.500 -5.188  -6.605  1.00 10.08 ? 77  HOH B O     1 
HETATM 598 O  O     . HOH F 4 .  ? -8.705  -16.559 -2.262  1.00 1.34  ? 78  HOH B O     1 
HETATM 599 O  O     . HOH F 4 .  ? -2.050  7.700   10.595  1.00 24.98 ? 81  HOH B O     1 
HETATM 600 O  O     . HOH F 4 .  ? 5.924   1.741   -7.440  1.00 29.91 ? 84  HOH B O     1 
HETATM 601 O  O     . HOH F 4 .  ? 8.152   11.781  8.215   1.00 18.77 ? 85  HOH B O     1 
HETATM 602 O  O     . HOH F 4 .  ? 2.278   6.178   16.486  1.00 10.25 ? 87  HOH B O     1 
HETATM 603 O  O     . HOH F 4 .  ? -0.244  -3.791  -10.585 1.00 8.91  ? 89  HOH B O     1 
HETATM 604 O  O     . HOH F 4 .  ? 11.324  9.745   20.447  1.00 23.46 ? 90  HOH B O     1 
HETATM 605 O  O     . HOH F 4 .  ? 5.243   13.215  8.951   1.00 26.47 ? 91  HOH B O     1 
HETATM 606 O  O     . HOH F 4 .  ? -12.625 -3.833  -1.750  1.00 35.06 ? 92  HOH B O     1 
HETATM 607 O  O     . HOH F 4 .  ? 4.438   -7.409  -2.493  1.00 33.84 ? 93  HOH B O     1 
HETATM 608 O  O     . HOH F 4 .  ? -14.340 -15.158 -0.082  1.00 23.13 ? 98  HOH B O     1 
HETATM 609 O  O     . HOH F 4 .  ? -2.937  11.707  5.218   1.00 16.66 ? 100 HOH B O     1 
HETATM 610 O  O     . HOH F 4 .  ? -13.988 -4.509  1.116   1.00 32.19 ? 101 HOH B O     1 
HETATM 611 O  O     . HOH F 4 .  ? 1.596   11.510  -4.377  1.00 21.77 ? 103 HOH B O     1 
HETATM 612 O  O     . HOH F 4 .  ? -20.144 -8.347  -6.956  1.00 32.98 ? 106 HOH B O     1 
HETATM 613 O  O     . HOH F 4 .  ? 2.834   12.216  4.709   1.00 29.19 ? 108 HOH B O     1 
HETATM 614 O  O     . HOH F 4 .  ? 6.451   -1.331  -11.081 1.00 17.00 ? 109 HOH B O     1 
HETATM 615 O  O     . HOH F 4 .  ? -11.795 -14.337 0.406   1.00 36.34 ? 111 HOH B O     1 
HETATM 616 O  O     . HOH F 4 .  ? -3.832  -16.300 -3.873  1.00 40.10 ? 113 HOH B O     1 
HETATM 617 O  O     . HOH F 4 .  ? -9.385  -18.737 -0.622  1.00 22.37 ? 114 HOH B O     1 
HETATM 618 O  O     . HOH F 4 .  ? -7.508  -15.784 1.748   1.00 35.99 ? 119 HOH B O     1 
HETATM 619 O  O     . HOH F 4 .  ? 8.308   8.338   2.372   1.00 9.50  ? 124 HOH B O     1 
# 
